data_5GIX
#
_entry.id   5GIX
#
_cell.length_a   38.472
_cell.length_b   94.550
_cell.length_c   96.105
_cell.angle_alpha   104.90
_cell.angle_beta   89.90
_cell.angle_gamma   100.86
#
_symmetry.space_group_name_H-M   'P 1'
#
loop_
_entity.id
_entity.type
_entity.pdbx_description
1 polymer 'Serum albumin'
2 non-polymer 14-piperidin-1-yl-11-oxa-13$l^{3}-thia-15,16$l^{4}-diaza-12$l^{3}-ferratetracyclo[8.7.0.0^{2,7}.0^{12,16}]heptadeca-1(10),2(7),3,5,8,13,16-heptaene
3 non-polymer 'PALMITIC ACID'
4 water water
#
_entity_poly.entity_id   1
_entity_poly.type   'polypeptide(L)'
_entity_poly.pdbx_seq_one_letter_code
;HKSEVAHRFKDLGEENFKALVLIAFAQYLQQCPFEDHVKLVNEVTEFAKTCVADESAENCDKSLHTLFGDKLCTVATLRE
TYGEMADCCAKQEPERNECFLQHKDDNPNLPRLVRPEVDVMCTAFHDNEETFLKKYLYEIARRHPYFYAPELLFFAKRYK
AAFTECCQAADKAACLLPKLDELRDEGKASSAKQRLKCASLQKFGERAFKAWAVARLSQRFPKAEFAEVSKLVTDLTKVH
TECCHGDLLECADDRADLAKYICENQDSISSKLKECCEKPLLEKSHCIAEVENDEMPADLPSLAADFVESKDVCKNYAEA
KDVFLGMFLYEYARRHPDYSVVLLLRLAKTYETTLEKCCAAADPHECYAKVFDEFKPLVEEPQNLIKQNCELFEQLGEYK
FQNALLVRYTKKVPQVSTPTLVEVSRNLGKVGSKCCKHPEAKRMPCAEDYLSVVLNQLCVLHEKTPVSDRVTKCCTESLV
NRRPCFSALEVDETYVPKEFNAETFTFHADICTLSEKERQIKKQTALVELVKHKPKATKEQLKAVMDDFAAFVEKCCKAD
DKETCFAEEGKKLVAASQAAL
;
_entity_poly.pdbx_strand_id   A,B
#
loop_
_chem_comp.id
_chem_comp.type
_chem_comp.name
_chem_comp.formula
6WF non-polymer 14-piperidin-1-yl-11-oxa-13$l^{3}-thia-15,16$l^{4}-diaza-12$l^{3}-ferratetracyclo[8.7.0.0^{2,7}.0^{12,16}]heptadeca-1(10),2(7),3,5,8,13,16-heptaene 'C17 H18 Fe N3 O S'
PLM non-polymer 'PALMITIC ACID' 'C16 H32 O2'
#
# COMPACT_ATOMS: atom_id res chain seq x y z
N HIS A 1 6.36 -16.84 -14.45
CA HIS A 1 4.99 -16.69 -13.96
C HIS A 1 4.08 -16.13 -15.05
N LYS A 2 4.34 -16.54 -16.29
CA LYS A 2 3.53 -16.14 -17.43
C LYS A 2 2.06 -16.45 -17.19
N SER A 3 1.81 -17.65 -16.67
CA SER A 3 0.44 -18.13 -16.46
C SER A 3 0.19 -18.37 -14.98
N GLU A 4 -0.77 -17.64 -14.42
CA GLU A 4 -1.12 -17.81 -13.02
C GLU A 4 -1.83 -19.14 -12.80
N VAL A 5 -2.73 -19.48 -13.71
CA VAL A 5 -3.52 -20.71 -13.61
C VAL A 5 -2.63 -21.93 -13.82
N ALA A 6 -1.65 -21.83 -14.71
CA ALA A 6 -0.72 -22.91 -14.97
C ALA A 6 0.12 -23.21 -13.72
N HIS A 7 0.51 -22.15 -13.02
CA HIS A 7 1.33 -22.26 -11.82
C HIS A 7 0.51 -22.84 -10.66
N ARG A 8 -0.74 -22.41 -10.55
CA ARG A 8 -1.62 -22.91 -9.50
C ARG A 8 -1.87 -24.40 -9.67
N PHE A 9 -2.02 -24.83 -10.91
CA PHE A 9 -2.27 -26.23 -11.23
C PHE A 9 -1.08 -27.12 -10.90
N LYS A 10 0.12 -26.58 -11.08
CA LYS A 10 1.33 -27.33 -10.78
C LYS A 10 1.58 -27.45 -9.27
N ASP A 11 1.17 -26.43 -8.52
CA ASP A 11 1.45 -26.40 -7.09
C ASP A 11 0.46 -27.25 -6.31
N LEU A 12 -0.79 -27.19 -6.71
CA LEU A 12 -1.86 -27.84 -5.97
C LEU A 12 -2.06 -29.29 -6.41
N GLY A 13 -1.92 -29.54 -7.70
CA GLY A 13 -2.25 -30.84 -8.26
C GLY A 13 -3.68 -30.85 -8.76
N GLU A 14 -3.91 -31.55 -9.86
CA GLU A 14 -5.23 -31.62 -10.50
C GLU A 14 -6.39 -31.82 -9.51
N GLU A 15 -6.26 -32.81 -8.64
CA GLU A 15 -7.33 -33.13 -7.70
C GLU A 15 -7.66 -31.97 -6.78
N ASN A 16 -6.66 -31.46 -6.08
CA ASN A 16 -6.86 -30.31 -5.20
C ASN A 16 -7.35 -29.09 -5.98
N PHE A 17 -6.80 -28.92 -7.18
CA PHE A 17 -7.19 -27.82 -8.07
C PHE A 17 -8.69 -27.86 -8.34
N LYS A 18 -9.16 -28.99 -8.84
CA LYS A 18 -10.58 -29.23 -9.07
C LYS A 18 -11.42 -28.89 -7.83
N ALA A 19 -11.03 -29.46 -6.69
CA ALA A 19 -11.77 -29.31 -5.45
C ALA A 19 -11.89 -27.84 -5.03
N LEU A 20 -10.80 -27.09 -5.20
CA LEU A 20 -10.78 -25.69 -4.79
C LEU A 20 -11.59 -24.82 -5.75
N VAL A 21 -11.51 -25.14 -7.04
CA VAL A 21 -12.29 -24.45 -8.05
C VAL A 21 -13.79 -24.66 -7.83
N LEU A 22 -14.16 -25.87 -7.45
CA LEU A 22 -15.55 -26.17 -7.14
C LEU A 22 -16.02 -25.33 -5.95
N ILE A 23 -15.20 -25.29 -4.91
CA ILE A 23 -15.51 -24.52 -3.71
C ILE A 23 -15.65 -23.04 -4.01
N ALA A 24 -14.71 -22.51 -4.78
CA ALA A 24 -14.72 -21.09 -5.15
C ALA A 24 -16.04 -20.70 -5.82
N PHE A 25 -16.36 -21.41 -6.91
CA PHE A 25 -17.58 -21.16 -7.66
C PHE A 25 -18.83 -21.40 -6.82
N ALA A 26 -18.79 -22.43 -5.98
CA ALA A 26 -19.92 -22.74 -5.10
C ALA A 26 -20.16 -21.62 -4.09
N GLN A 27 -19.09 -20.90 -3.73
CA GLN A 27 -19.18 -19.84 -2.74
C GLN A 27 -19.76 -18.55 -3.32
N TYR A 28 -19.63 -18.37 -4.64
CA TYR A 28 -20.20 -17.20 -5.30
C TYR A 28 -21.59 -17.50 -5.86
N LEU A 29 -21.68 -18.48 -6.74
CA LEU A 29 -22.95 -18.87 -7.35
C LEU A 29 -23.68 -19.89 -6.49
N GLN A 30 -24.10 -19.46 -5.30
CA GLN A 30 -24.66 -20.37 -4.31
C GLN A 30 -26.09 -20.84 -4.61
N GLN A 31 -26.66 -20.41 -5.72
CA GLN A 31 -28.03 -20.79 -6.05
C GLN A 31 -28.11 -21.50 -7.40
N CYS A 32 -26.97 -21.92 -7.91
CA CYS A 32 -26.92 -22.69 -9.14
C CYS A 32 -26.80 -24.17 -8.83
N PRO A 33 -27.46 -25.02 -9.62
CA PRO A 33 -27.45 -26.47 -9.42
C PRO A 33 -26.05 -27.06 -9.56
N PHE A 34 -25.79 -28.13 -8.82
CA PHE A 34 -24.48 -28.80 -8.81
C PHE A 34 -23.91 -29.05 -10.20
N GLU A 35 -24.72 -29.60 -11.10
CA GLU A 35 -24.25 -29.96 -12.44
C GLU A 35 -23.74 -28.75 -13.22
N ASP A 36 -24.25 -27.57 -12.89
CA ASP A 36 -23.74 -26.34 -13.48
C ASP A 36 -22.27 -26.13 -13.13
N HIS A 37 -21.99 -26.14 -11.83
CA HIS A 37 -20.62 -25.97 -11.32
C HIS A 37 -19.65 -27.01 -11.87
N VAL A 38 -20.09 -28.27 -11.94
CA VAL A 38 -19.25 -29.34 -12.46
C VAL A 38 -18.81 -29.02 -13.88
N LYS A 39 -19.72 -28.49 -14.68
CA LYS A 39 -19.41 -28.10 -16.04
C LYS A 39 -18.33 -27.02 -16.04
N LEU A 40 -18.46 -26.06 -15.13
CA LEU A 40 -17.47 -24.99 -14.97
C LEU A 40 -16.11 -25.56 -14.59
N VAL A 41 -16.07 -26.35 -13.53
CA VAL A 41 -14.84 -26.99 -13.06
C VAL A 41 -14.09 -27.71 -14.18
N ASN A 42 -14.83 -28.44 -15.02
CA ASN A 42 -14.20 -29.19 -16.11
C ASN A 42 -13.69 -28.25 -17.22
N GLU A 43 -14.40 -27.15 -17.42
CA GLU A 43 -13.98 -26.16 -18.42
C GLU A 43 -12.73 -25.40 -17.99
N VAL A 44 -12.70 -24.99 -16.72
CA VAL A 44 -11.53 -24.31 -16.17
C VAL A 44 -10.33 -25.25 -16.10
N THR A 45 -10.58 -26.49 -15.65
CA THR A 45 -9.53 -27.48 -15.51
C THR A 45 -8.85 -27.81 -16.84
N GLU A 46 -9.64 -28.07 -17.87
CA GLU A 46 -9.09 -28.41 -19.16
C GLU A 46 -8.30 -27.24 -19.73
N PHE A 47 -8.83 -26.04 -19.57
CA PHE A 47 -8.11 -24.84 -19.96
C PHE A 47 -6.77 -24.75 -19.23
N ALA A 48 -6.77 -25.08 -17.94
CA ALA A 48 -5.57 -25.01 -17.12
C ALA A 48 -4.50 -25.96 -17.63
N LYS A 49 -4.91 -27.17 -18.04
CA LYS A 49 -3.97 -28.16 -18.56
C LYS A 49 -3.40 -27.66 -19.88
N THR A 50 -4.22 -26.95 -20.64
CA THR A 50 -3.77 -26.27 -21.85
C THR A 50 -2.63 -25.32 -21.51
N CYS A 51 -2.77 -24.61 -20.41
CA CYS A 51 -1.80 -23.60 -20.00
C CYS A 51 -0.54 -24.25 -19.44
N VAL A 52 -0.70 -25.44 -18.87
CA VAL A 52 0.42 -26.20 -18.31
C VAL A 52 1.31 -26.73 -19.42
N ALA A 53 0.69 -27.17 -20.52
CA ALA A 53 1.43 -27.67 -21.67
C ALA A 53 2.20 -26.54 -22.35
N ASP A 54 1.60 -25.35 -22.37
CA ASP A 54 2.18 -24.20 -23.04
C ASP A 54 1.69 -22.90 -22.41
N GLU A 55 2.55 -22.28 -21.60
CA GLU A 55 2.20 -21.06 -20.88
C GLU A 55 1.89 -19.89 -21.81
N SER A 56 2.31 -20.02 -23.07
CA SER A 56 2.09 -18.95 -24.04
C SER A 56 0.79 -19.17 -24.81
N ALA A 57 -0.06 -20.05 -24.30
CA ALA A 57 -1.34 -20.33 -24.93
C ALA A 57 -2.23 -19.09 -24.97
N GLU A 58 -3.31 -19.15 -25.74
CA GLU A 58 -4.08 -17.97 -26.13
C GLU A 58 -4.59 -17.10 -24.96
N ASN A 59 -5.18 -17.71 -23.95
CA ASN A 59 -5.70 -16.94 -22.81
C ASN A 59 -4.94 -17.20 -21.51
N CYS A 60 -3.89 -18.00 -21.61
CA CYS A 60 -3.14 -18.45 -20.44
C CYS A 60 -2.45 -17.31 -19.68
N ASP A 61 -2.18 -16.21 -20.36
CA ASP A 61 -1.45 -15.10 -19.76
C ASP A 61 -2.33 -14.22 -18.88
N LYS A 62 -3.63 -14.51 -18.84
CA LYS A 62 -4.57 -13.69 -18.08
C LYS A 62 -4.49 -13.93 -16.58
N SER A 63 -5.03 -12.97 -15.82
CA SER A 63 -5.09 -13.04 -14.37
C SER A 63 -6.17 -14.02 -13.89
N LEU A 64 -5.94 -14.62 -12.73
CA LEU A 64 -6.91 -15.54 -12.15
C LEU A 64 -8.22 -14.83 -11.82
N HIS A 65 -8.11 -13.58 -11.37
CA HIS A 65 -9.30 -12.77 -11.10
C HIS A 65 -10.07 -12.51 -12.40
N THR A 66 -9.32 -12.25 -13.46
CA THR A 66 -9.93 -12.02 -14.77
C THR A 66 -10.61 -13.28 -15.31
N LEU A 67 -9.90 -14.40 -15.26
CA LEU A 67 -10.44 -15.68 -15.72
C LEU A 67 -11.67 -16.08 -14.92
N PHE A 68 -11.59 -15.95 -13.60
CA PHE A 68 -12.70 -16.28 -12.72
C PHE A 68 -13.91 -15.41 -13.00
N GLY A 69 -13.67 -14.10 -13.12
CA GLY A 69 -14.73 -13.14 -13.37
C GLY A 69 -15.39 -13.34 -14.72
N ASP A 70 -14.59 -13.70 -15.72
CA ASP A 70 -15.13 -13.95 -17.06
C ASP A 70 -16.06 -15.16 -17.04
N LYS A 71 -15.64 -16.23 -16.38
CA LYS A 71 -16.46 -17.44 -16.26
C LYS A 71 -17.79 -17.14 -15.58
N LEU A 72 -17.74 -16.37 -14.49
CA LEU A 72 -18.94 -15.94 -13.79
C LEU A 72 -19.92 -15.26 -14.72
N CYS A 73 -19.40 -14.39 -15.58
CA CYS A 73 -20.22 -13.58 -16.45
C CYS A 73 -20.68 -14.33 -17.70
N THR A 74 -20.29 -15.60 -17.81
CA THR A 74 -20.72 -16.42 -18.94
C THR A 74 -21.88 -17.31 -18.53
N VAL A 75 -22.25 -17.23 -17.26
CA VAL A 75 -23.45 -17.92 -16.78
C VAL A 75 -24.69 -17.26 -17.39
N ALA A 76 -25.43 -18.04 -18.17
CA ALA A 76 -26.58 -17.54 -18.91
C ALA A 76 -27.70 -17.03 -18.00
N THR A 77 -27.96 -17.75 -16.93
CA THR A 77 -29.04 -17.40 -16.01
C THR A 77 -28.56 -16.48 -14.88
N LEU A 78 -27.43 -15.81 -15.09
CA LEU A 78 -26.82 -14.98 -14.06
C LEU A 78 -27.72 -13.83 -13.63
N ARG A 79 -28.10 -12.99 -14.60
CA ARG A 79 -28.97 -11.85 -14.34
C ARG A 79 -30.30 -12.25 -13.73
N GLU A 80 -30.96 -13.24 -14.34
CA GLU A 80 -32.24 -13.74 -13.87
C GLU A 80 -32.18 -14.17 -12.40
N THR A 81 -31.14 -14.93 -12.06
CA THR A 81 -31.04 -15.55 -10.75
C THR A 81 -30.41 -14.65 -9.69
N TYR A 82 -29.39 -13.88 -10.07
CA TYR A 82 -28.63 -13.10 -9.09
C TYR A 82 -28.80 -11.59 -9.23
N GLY A 83 -29.62 -11.16 -10.18
CA GLY A 83 -29.94 -9.75 -10.35
C GLY A 83 -28.75 -8.80 -10.43
N GLU A 84 -28.49 -8.10 -9.33
CA GLU A 84 -27.44 -7.08 -9.28
C GLU A 84 -26.05 -7.59 -9.66
N MET A 85 -25.75 -8.83 -9.28
CA MET A 85 -24.43 -9.40 -9.51
C MET A 85 -24.06 -9.38 -10.98
N ALA A 86 -25.08 -9.45 -11.84
CA ALA A 86 -24.85 -9.45 -13.28
C ALA A 86 -24.36 -8.09 -13.74
N ASP A 87 -24.64 -7.06 -12.94
CA ASP A 87 -24.20 -5.70 -13.24
C ASP A 87 -22.69 -5.55 -13.08
N CYS A 88 -22.11 -6.34 -12.18
CA CYS A 88 -20.66 -6.36 -11.97
C CYS A 88 -19.90 -6.60 -13.27
N CYS A 89 -20.52 -7.37 -14.17
CA CYS A 89 -19.88 -7.77 -15.41
C CYS A 89 -19.54 -6.59 -16.33
N ALA A 90 -20.17 -5.46 -16.08
CA ALA A 90 -19.89 -4.23 -16.83
C ALA A 90 -18.70 -3.47 -16.26
N LYS A 91 -18.42 -3.69 -15.00
CA LYS A 91 -17.33 -3.07 -14.35
C LYS A 91 -16.13 -3.72 -14.95
N GLN A 92 -15.00 -3.10 -14.78
CA GLN A 92 -13.79 -3.64 -15.32
C GLN A 92 -12.89 -4.01 -14.20
N GLU A 93 -12.01 -4.96 -14.45
CA GLU A 93 -11.07 -5.38 -13.44
C GLU A 93 -10.22 -4.16 -13.28
N PRO A 94 -9.83 -3.85 -12.08
CA PRO A 94 -10.04 -4.71 -10.92
C PRO A 94 -11.29 -4.35 -10.12
N GLU A 95 -12.08 -3.41 -10.64
CA GLU A 95 -13.31 -3.00 -9.97
C GLU A 95 -14.33 -4.12 -9.96
N ARG A 96 -14.38 -4.89 -11.04
CA ARG A 96 -15.31 -6.02 -11.16
C ARG A 96 -15.19 -7.01 -10.00
N ASN A 97 -13.97 -7.47 -9.73
CA ASN A 97 -13.74 -8.44 -8.66
C ASN A 97 -14.27 -7.96 -7.32
N GLU A 98 -14.04 -6.68 -7.01
CA GLU A 98 -14.56 -6.09 -5.79
C GLU A 98 -16.09 -6.13 -5.79
N CYS A 99 -16.68 -5.87 -6.94
CA CYS A 99 -18.13 -5.87 -7.09
C CYS A 99 -18.71 -7.25 -6.79
N PHE A 100 -18.06 -8.29 -7.29
CA PHE A 100 -18.46 -9.66 -7.02
C PHE A 100 -18.35 -9.98 -5.52
N LEU A 101 -17.28 -9.49 -4.91
CA LEU A 101 -17.07 -9.65 -3.46
C LEU A 101 -18.19 -9.00 -2.66
N GLN A 102 -18.67 -7.86 -3.15
CA GLN A 102 -19.71 -7.12 -2.47
C GLN A 102 -21.04 -7.86 -2.48
N HIS A 103 -21.34 -8.49 -3.62
CA HIS A 103 -22.61 -9.17 -3.80
C HIS A 103 -22.54 -10.66 -3.44
N LYS A 104 -21.52 -11.02 -2.67
CA LYS A 104 -21.45 -12.37 -2.10
C LYS A 104 -22.45 -12.47 -0.96
N ASP A 105 -23.29 -13.50 -0.99
CA ASP A 105 -24.37 -13.62 -0.03
C ASP A 105 -23.98 -14.50 1.16
N ASP A 106 -24.18 -13.99 2.37
CA ASP A 106 -23.83 -14.73 3.57
C ASP A 106 -25.06 -15.38 4.19
N ASN A 107 -24.99 -16.70 4.35
CA ASN A 107 -26.10 -17.47 4.90
C ASN A 107 -27.43 -17.18 4.18
N PRO A 108 -27.52 -17.59 2.91
CA PRO A 108 -28.74 -17.40 2.13
C PRO A 108 -29.84 -18.35 2.62
N ASN A 109 -30.99 -18.34 1.97
CA ASN A 109 -32.07 -19.21 2.41
C ASN A 109 -31.96 -20.59 1.77
N LEU A 110 -31.55 -21.56 2.55
CA LEU A 110 -31.44 -22.95 2.13
C LEU A 110 -31.88 -23.85 3.27
N PRO A 111 -32.41 -25.03 2.94
CA PRO A 111 -32.82 -25.96 3.99
C PRO A 111 -31.61 -26.64 4.61
N ARG A 112 -31.68 -26.93 5.91
CA ARG A 112 -30.56 -27.56 6.59
C ARG A 112 -30.26 -28.90 5.96
N LEU A 113 -28.97 -29.15 5.70
CA LEU A 113 -28.55 -30.45 5.20
C LEU A 113 -28.88 -31.51 6.23
N VAL A 114 -29.67 -32.50 5.85
CA VAL A 114 -30.05 -33.55 6.77
C VAL A 114 -29.21 -34.80 6.54
N ARG A 115 -28.59 -35.28 7.61
CA ARG A 115 -27.77 -36.48 7.56
C ARG A 115 -28.64 -37.69 7.21
N PRO A 116 -28.37 -38.29 6.04
CA PRO A 116 -29.15 -39.44 5.56
C PRO A 116 -28.83 -40.71 6.33
N GLU A 117 -29.55 -41.79 6.04
CA GLU A 117 -29.31 -43.07 6.70
C GLU A 117 -27.90 -43.56 6.38
N VAL A 118 -27.28 -44.22 7.35
CA VAL A 118 -25.93 -44.73 7.21
C VAL A 118 -25.80 -45.70 6.03
N ASP A 119 -26.79 -46.59 5.90
CA ASP A 119 -26.84 -47.53 4.79
C ASP A 119 -26.86 -46.81 3.45
N VAL A 120 -27.72 -45.79 3.36
CA VAL A 120 -27.83 -44.97 2.16
C VAL A 120 -26.53 -44.25 1.83
N MET A 121 -25.95 -43.58 2.83
CA MET A 121 -24.69 -42.87 2.68
C MET A 121 -23.58 -43.77 2.14
N CYS A 122 -23.27 -44.83 2.89
CA CYS A 122 -22.21 -45.76 2.49
C CYS A 122 -22.46 -46.36 1.11
N THR A 123 -23.72 -46.59 0.79
CA THR A 123 -24.10 -47.14 -0.51
C THR A 123 -23.82 -46.16 -1.64
N ALA A 124 -24.11 -44.89 -1.39
CA ALA A 124 -23.82 -43.83 -2.36
C ALA A 124 -22.31 -43.68 -2.50
N PHE A 125 -21.63 -43.66 -1.36
CA PHE A 125 -20.18 -43.54 -1.31
C PHE A 125 -19.50 -44.64 -2.10
N HIS A 126 -20.09 -45.84 -2.11
CA HIS A 126 -19.51 -46.95 -2.85
C HIS A 126 -19.82 -46.87 -4.34
N ASP A 127 -21.08 -46.63 -4.68
CA ASP A 127 -21.50 -46.62 -6.07
C ASP A 127 -20.85 -45.49 -6.87
N ASN A 128 -20.86 -44.29 -6.30
CA ASN A 128 -20.23 -43.14 -6.93
C ASN A 128 -19.52 -42.24 -5.91
N GLU A 129 -18.32 -42.65 -5.52
CA GLU A 129 -17.57 -41.99 -4.46
C GLU A 129 -17.27 -40.53 -4.76
N GLU A 130 -17.02 -40.23 -6.03
CA GLU A 130 -16.59 -38.89 -6.42
C GLU A 130 -17.76 -37.90 -6.45
N THR A 131 -18.85 -38.29 -7.09
CA THR A 131 -20.02 -37.42 -7.20
C THR A 131 -20.74 -37.34 -5.87
N PHE A 132 -20.40 -38.24 -4.96
CA PHE A 132 -21.00 -38.25 -3.64
C PHE A 132 -20.30 -37.23 -2.74
N LEU A 133 -18.98 -37.27 -2.74
CA LEU A 133 -18.18 -36.34 -1.93
C LEU A 133 -18.28 -34.91 -2.46
N LYS A 134 -18.22 -34.77 -3.78
CA LYS A 134 -18.22 -33.44 -4.39
C LYS A 134 -19.59 -32.75 -4.27
N LYS A 135 -20.65 -33.54 -4.31
CA LYS A 135 -21.99 -33.00 -4.14
C LYS A 135 -22.15 -32.40 -2.75
N TYR A 136 -21.58 -33.06 -1.76
CA TYR A 136 -21.66 -32.58 -0.38
C TYR A 136 -20.69 -31.43 -0.16
N LEU A 137 -19.56 -31.46 -0.85
CA LEU A 137 -18.61 -30.37 -0.75
C LEU A 137 -19.25 -29.10 -1.31
N TYR A 138 -19.96 -29.27 -2.41
CA TYR A 138 -20.76 -28.22 -3.02
C TYR A 138 -21.82 -27.69 -2.06
N GLU A 139 -22.50 -28.59 -1.35
CA GLU A 139 -23.56 -28.21 -0.44
C GLU A 139 -23.03 -27.42 0.75
N ILE A 140 -21.89 -27.87 1.30
CA ILE A 140 -21.28 -27.17 2.43
C ILE A 140 -20.77 -25.81 1.98
N ALA A 141 -20.13 -25.78 0.83
CA ALA A 141 -19.51 -24.57 0.31
C ALA A 141 -20.52 -23.44 0.08
N ARG A 142 -21.62 -23.76 -0.59
CA ARG A 142 -22.65 -22.79 -0.90
C ARG A 142 -23.29 -22.19 0.36
N ARG A 143 -23.30 -22.95 1.43
CA ARG A 143 -23.94 -22.53 2.67
C ARG A 143 -22.96 -21.78 3.59
N HIS A 144 -21.67 -21.91 3.30
CA HIS A 144 -20.63 -21.26 4.08
C HIS A 144 -19.67 -20.56 3.14
N PRO A 145 -20.14 -19.50 2.48
CA PRO A 145 -19.46 -18.87 1.34
C PRO A 145 -18.26 -18.01 1.74
N TYR A 146 -18.10 -17.75 3.03
CA TYR A 146 -16.99 -16.94 3.51
C TYR A 146 -15.94 -17.80 4.21
N PHE A 147 -16.22 -19.10 4.32
CA PHE A 147 -15.27 -20.01 4.94
C PHE A 147 -14.07 -20.23 4.01
N TYR A 148 -12.87 -20.20 4.59
CA TYR A 148 -11.65 -20.32 3.82
C TYR A 148 -11.64 -21.64 3.04
N ALA A 149 -11.50 -21.55 1.73
CA ALA A 149 -11.62 -22.70 0.83
C ALA A 149 -10.71 -23.87 1.22
N PRO A 150 -9.41 -23.60 1.40
CA PRO A 150 -8.47 -24.67 1.74
C PRO A 150 -8.83 -25.34 3.06
N GLU A 151 -9.53 -24.62 3.93
CA GLU A 151 -9.92 -25.15 5.21
C GLU A 151 -11.13 -26.05 5.05
N LEU A 152 -12.04 -25.63 4.17
CA LEU A 152 -13.20 -26.43 3.82
C LEU A 152 -12.76 -27.70 3.12
N LEU A 153 -11.73 -27.58 2.29
CA LEU A 153 -11.12 -28.72 1.61
C LEU A 153 -10.42 -29.64 2.62
N PHE A 154 -9.94 -29.05 3.71
CA PHE A 154 -9.25 -29.80 4.74
C PHE A 154 -10.22 -30.70 5.50
N PHE A 155 -11.45 -30.24 5.68
CA PHE A 155 -12.49 -31.03 6.33
C PHE A 155 -13.06 -32.09 5.39
N ALA A 156 -13.16 -31.74 4.11
CA ALA A 156 -13.64 -32.66 3.09
C ALA A 156 -12.84 -33.95 3.09
N LYS A 157 -11.52 -33.80 3.06
CA LYS A 157 -10.61 -34.94 3.06
C LYS A 157 -10.79 -35.80 4.31
N ARG A 158 -11.12 -35.14 5.42
CA ARG A 158 -11.34 -35.85 6.68
C ARG A 158 -12.67 -36.61 6.66
N TYR A 159 -13.69 -36.02 6.04
CA TYR A 159 -14.95 -36.73 5.83
C TYR A 159 -14.73 -37.99 4.98
N LYS A 160 -14.00 -37.84 3.89
CA LYS A 160 -13.71 -38.95 3.00
C LYS A 160 -13.02 -40.11 3.72
N ALA A 161 -12.15 -39.76 4.66
CA ALA A 161 -11.45 -40.77 5.45
C ALA A 161 -12.43 -41.51 6.37
N ALA A 162 -13.33 -40.75 6.99
CA ALA A 162 -14.32 -41.30 7.90
C ALA A 162 -15.16 -42.40 7.26
N PHE A 163 -15.65 -42.14 6.05
CA PHE A 163 -16.45 -43.12 5.33
C PHE A 163 -15.62 -44.34 4.93
N THR A 164 -14.39 -44.10 4.48
CA THR A 164 -13.50 -45.18 4.07
C THR A 164 -13.34 -46.23 5.18
N GLU A 165 -13.24 -45.78 6.42
CA GLU A 165 -13.20 -46.69 7.55
C GLU A 165 -14.53 -47.41 7.74
N CYS A 166 -15.54 -46.65 8.12
CA CYS A 166 -16.77 -47.21 8.68
C CYS A 166 -17.63 -47.98 7.69
N CYS A 167 -17.68 -47.52 6.44
CA CYS A 167 -18.58 -48.11 5.45
C CYS A 167 -18.25 -49.57 5.11
N GLN A 168 -17.20 -50.10 5.71
CA GLN A 168 -16.91 -51.53 5.58
C GLN A 168 -16.60 -52.14 6.94
N ALA A 169 -17.36 -51.72 7.94
CA ALA A 169 -17.29 -52.29 9.28
C ALA A 169 -18.71 -52.65 9.73
N ALA A 170 -18.87 -53.86 10.27
CA ALA A 170 -20.19 -54.45 10.51
C ALA A 170 -21.16 -53.49 11.20
N ASP A 171 -20.71 -52.86 12.27
CA ASP A 171 -21.50 -51.85 12.97
C ASP A 171 -21.11 -50.46 12.47
N LYS A 172 -21.49 -50.16 11.23
CA LYS A 172 -21.07 -48.92 10.56
C LYS A 172 -21.45 -47.68 11.36
N ALA A 173 -22.76 -47.50 11.58
CA ALA A 173 -23.30 -46.33 12.26
C ALA A 173 -22.61 -46.03 13.59
N ALA A 174 -22.19 -47.07 14.29
CA ALA A 174 -21.51 -46.91 15.57
C ALA A 174 -20.14 -46.29 15.36
N CYS A 175 -19.55 -46.59 14.20
CA CYS A 175 -18.28 -46.00 13.80
C CYS A 175 -18.48 -44.60 13.22
N LEU A 176 -19.32 -44.53 12.17
CA LEU A 176 -19.48 -43.31 11.38
C LEU A 176 -20.09 -42.14 12.14
N LEU A 177 -21.22 -42.39 12.82
CA LEU A 177 -21.99 -41.32 13.45
C LEU A 177 -21.20 -40.49 14.47
N PRO A 178 -20.40 -41.15 15.31
CA PRO A 178 -19.59 -40.40 16.28
C PRO A 178 -18.42 -39.66 15.60
N LYS A 179 -18.13 -40.01 14.36
CA LYS A 179 -17.09 -39.32 13.60
C LYS A 179 -17.66 -38.10 12.86
N LEU A 180 -18.84 -38.28 12.27
CA LEU A 180 -19.53 -37.18 11.59
C LEU A 180 -19.89 -36.07 12.57
N ASP A 181 -20.22 -36.46 13.79
CA ASP A 181 -20.56 -35.50 14.84
C ASP A 181 -19.34 -34.66 15.21
N GLU A 182 -18.20 -35.33 15.41
CA GLU A 182 -16.93 -34.66 15.65
C GLU A 182 -16.63 -33.63 14.57
N LEU A 183 -16.80 -34.03 13.31
CA LEU A 183 -16.55 -33.15 12.18
C LEU A 183 -17.48 -31.93 12.18
N ARG A 184 -18.78 -32.20 12.32
CA ARG A 184 -19.77 -31.15 12.45
C ARG A 184 -19.38 -30.12 13.50
N ASP A 185 -19.04 -30.60 14.69
CA ASP A 185 -18.65 -29.74 15.79
C ASP A 185 -17.41 -28.93 15.44
N GLU A 186 -16.39 -29.61 14.97
CA GLU A 186 -15.12 -28.96 14.62
C GLU A 186 -15.30 -27.95 13.50
N GLY A 187 -16.04 -28.33 12.47
CA GLY A 187 -16.33 -27.46 11.35
C GLY A 187 -16.96 -26.15 11.76
N LYS A 188 -17.99 -26.22 12.60
CA LYS A 188 -18.69 -25.02 13.05
C LYS A 188 -17.87 -24.26 14.08
N ALA A 189 -17.03 -24.98 14.82
CA ALA A 189 -16.15 -24.34 15.78
C ALA A 189 -15.06 -23.57 15.05
N SER A 190 -14.52 -24.17 14.00
CA SER A 190 -13.54 -23.51 13.15
C SER A 190 -14.13 -22.29 12.47
N SER A 191 -15.35 -22.45 11.96
CA SER A 191 -16.05 -21.36 11.28
C SER A 191 -16.31 -20.20 12.22
N ALA A 192 -16.68 -20.51 13.43
CA ALA A 192 -16.96 -19.49 14.39
C ALA A 192 -15.74 -18.70 14.73
N LYS A 193 -14.63 -19.39 14.88
CA LYS A 193 -13.41 -18.74 15.25
C LYS A 193 -13.05 -17.76 14.20
N GLN A 194 -13.22 -18.13 12.95
CA GLN A 194 -12.85 -17.27 11.88
C GLN A 194 -13.63 -15.98 11.83
N ARG A 195 -14.94 -16.09 11.98
CA ARG A 195 -15.76 -14.91 11.93
C ARG A 195 -15.33 -14.07 13.07
N LEU A 196 -15.11 -14.72 14.19
CA LEU A 196 -14.70 -14.01 15.36
C LEU A 196 -13.36 -13.29 15.27
N LYS A 197 -12.38 -13.99 14.72
CA LYS A 197 -11.07 -13.45 14.60
C LYS A 197 -11.16 -12.24 13.76
N CYS A 198 -11.88 -12.35 12.65
CA CYS A 198 -12.03 -11.23 11.73
C CYS A 198 -12.84 -10.09 12.33
N ALA A 199 -13.90 -10.43 13.06
CA ALA A 199 -14.75 -9.44 13.68
C ALA A 199 -14.03 -8.62 14.68
N SER A 200 -13.18 -9.25 15.47
CA SER A 200 -12.41 -8.54 16.45
C SER A 200 -11.50 -7.57 15.79
N LEU A 201 -10.91 -7.97 14.67
CA LEU A 201 -9.98 -7.07 14.02
C LEU A 201 -10.68 -5.77 13.67
N GLN A 202 -11.91 -5.86 13.21
CA GLN A 202 -12.73 -4.74 12.79
C GLN A 202 -13.28 -3.97 13.98
N LYS A 203 -13.72 -4.71 14.99
CA LYS A 203 -14.34 -4.13 16.18
C LYS A 203 -13.38 -3.31 17.04
N PHE A 204 -12.23 -3.89 17.40
CA PHE A 204 -11.34 -3.27 18.37
C PHE A 204 -10.09 -2.65 17.75
N GLY A 205 -9.82 -2.94 16.49
CA GLY A 205 -8.70 -2.33 15.80
C GLY A 205 -7.45 -3.19 15.71
N GLU A 206 -6.46 -2.71 14.95
CA GLU A 206 -5.22 -3.45 14.72
C GLU A 206 -4.39 -3.62 16.00
N ARG A 207 -4.40 -2.60 16.85
CA ARG A 207 -3.59 -2.62 18.06
C ARG A 207 -3.91 -3.81 18.95
N ALA A 208 -5.17 -3.93 19.35
CA ALA A 208 -5.61 -5.02 20.19
C ALA A 208 -5.33 -6.39 19.54
N PHE A 209 -5.47 -6.44 18.22
CA PHE A 209 -5.20 -7.67 17.50
C PHE A 209 -3.73 -8.03 17.60
N LYS A 210 -2.88 -7.02 17.50
CA LYS A 210 -1.44 -7.19 17.60
C LYS A 210 -1.06 -7.66 19.00
N ALA A 211 -1.77 -7.16 20.00
CA ALA A 211 -1.53 -7.56 21.39
C ALA A 211 -1.87 -9.04 21.57
N TRP A 212 -3.03 -9.42 21.05
CA TRP A 212 -3.43 -10.82 21.03
C TRP A 212 -2.39 -11.68 20.31
N ALA A 213 -1.93 -11.19 19.17
CA ALA A 213 -0.99 -11.94 18.34
C ALA A 213 0.35 -12.12 19.04
N VAL A 214 0.81 -11.06 19.70
CA VAL A 214 2.09 -11.07 20.39
C VAL A 214 2.10 -12.13 21.49
N ALA A 215 1.00 -12.22 22.23
CA ALA A 215 0.88 -13.16 23.33
C ALA A 215 0.96 -14.61 22.85
N ARG A 216 0.16 -14.95 21.85
CA ARG A 216 0.10 -16.34 21.38
C ARG A 216 1.34 -16.74 20.60
N LEU A 217 1.89 -15.82 19.81
CA LEU A 217 3.10 -16.10 19.04
C LEU A 217 4.28 -16.32 19.98
N SER A 218 4.30 -15.57 21.07
CA SER A 218 5.36 -15.70 22.08
C SER A 218 5.22 -17.02 22.83
N GLN A 219 3.98 -17.39 23.12
CA GLN A 219 3.68 -18.68 23.73
C GLN A 219 4.13 -19.85 22.85
N ARG A 220 3.78 -19.81 21.58
CA ARG A 220 4.13 -20.87 20.64
C ARG A 220 5.63 -20.91 20.32
N PHE A 221 6.24 -19.74 20.21
CA PHE A 221 7.65 -19.65 19.81
C PHE A 221 8.49 -18.96 20.88
N PRO A 222 8.61 -19.60 22.05
CA PRO A 222 9.28 -18.96 23.19
C PRO A 222 10.79 -18.85 23.02
N LYS A 223 11.35 -19.53 22.02
CA LYS A 223 12.78 -19.45 21.75
C LYS A 223 13.07 -18.32 20.77
N ALA A 224 12.01 -17.76 20.19
CA ALA A 224 12.16 -16.65 19.27
C ALA A 224 12.42 -15.36 20.03
N GLU A 225 13.15 -14.44 19.39
CA GLU A 225 13.43 -13.15 20.00
C GLU A 225 12.40 -12.12 19.57
N PHE A 226 12.22 -11.08 20.37
CA PHE A 226 11.13 -10.14 20.19
C PHE A 226 11.07 -9.52 18.80
N ALA A 227 12.23 -9.16 18.26
CA ALA A 227 12.30 -8.59 16.92
C ALA A 227 11.64 -9.53 15.91
N GLU A 228 11.91 -10.82 16.05
CA GLU A 228 11.32 -11.83 15.18
C GLU A 228 9.81 -11.91 15.38
N VAL A 229 9.39 -11.96 16.65
CA VAL A 229 7.98 -11.98 17.00
C VAL A 229 7.25 -10.76 16.46
N SER A 230 7.90 -9.60 16.53
CA SER A 230 7.32 -8.38 16.00
C SER A 230 7.01 -8.51 14.51
N LYS A 231 7.98 -9.01 13.74
CA LYS A 231 7.81 -9.13 12.30
C LYS A 231 6.67 -10.09 11.99
N LEU A 232 6.63 -11.20 12.74
CA LEU A 232 5.56 -12.18 12.57
C LEU A 232 4.20 -11.56 12.88
N VAL A 233 4.10 -10.88 14.01
CA VAL A 233 2.87 -10.21 14.41
C VAL A 233 2.44 -9.18 13.38
N THR A 234 3.43 -8.47 12.82
CA THR A 234 3.17 -7.43 11.84
C THR A 234 2.53 -8.00 10.58
N ASP A 235 3.12 -9.07 10.11
CA ASP A 235 2.67 -9.81 8.96
C ASP A 235 1.37 -10.55 9.17
N LEU A 236 1.18 -11.08 10.36
CA LEU A 236 -0.03 -11.79 10.70
C LEU A 236 -1.17 -10.84 10.65
N THR A 237 -0.94 -9.62 11.07
CA THR A 237 -1.97 -8.62 11.01
C THR A 237 -2.29 -8.33 9.57
N LYS A 238 -1.29 -8.26 8.74
CA LYS A 238 -1.49 -7.98 7.34
C LYS A 238 -2.31 -9.07 6.73
N VAL A 239 -2.02 -10.29 7.09
CA VAL A 239 -2.73 -11.44 6.57
C VAL A 239 -4.17 -11.44 6.99
N HIS A 240 -4.44 -11.22 8.26
CA HIS A 240 -5.79 -11.25 8.76
C HIS A 240 -6.63 -10.13 8.17
N THR A 241 -6.01 -8.98 7.98
CA THR A 241 -6.68 -7.86 7.39
C THR A 241 -7.11 -8.14 5.98
N GLU A 242 -6.25 -8.72 5.16
CA GLU A 242 -6.61 -9.10 3.79
C GLU A 242 -7.58 -10.28 3.75
N CYS A 243 -7.31 -11.30 4.55
CA CYS A 243 -8.16 -12.49 4.57
C CYS A 243 -9.58 -12.16 5.01
N CYS A 244 -9.71 -11.26 5.98
CA CYS A 244 -11.02 -10.86 6.47
C CYS A 244 -11.78 -10.11 5.38
N HIS A 245 -11.06 -9.50 4.46
CA HIS A 245 -11.67 -8.76 3.36
C HIS A 245 -12.50 -9.70 2.49
N GLY A 246 -11.98 -10.91 2.27
CA GLY A 246 -12.72 -11.95 1.59
C GLY A 246 -12.19 -12.48 0.26
N ASP A 247 -11.12 -11.88 -0.26
CA ASP A 247 -10.56 -12.33 -1.53
C ASP A 247 -9.71 -13.58 -1.33
N LEU A 248 -10.18 -14.70 -1.87
CA LEU A 248 -9.54 -16.00 -1.72
C LEU A 248 -8.07 -15.98 -2.17
N LEU A 249 -7.83 -15.52 -3.39
CA LEU A 249 -6.48 -15.57 -3.98
C LEU A 249 -5.50 -14.67 -3.25
N GLU A 250 -5.92 -13.43 -2.98
CA GLU A 250 -5.09 -12.49 -2.24
C GLU A 250 -4.79 -13.02 -0.84
N CYS A 251 -5.81 -13.56 -0.19
CA CYS A 251 -5.65 -14.13 1.15
C CYS A 251 -4.69 -15.32 1.12
N ALA A 252 -4.84 -16.17 0.11
CA ALA A 252 -4.01 -17.35 -0.04
C ALA A 252 -2.53 -16.98 -0.23
N ASP A 253 -2.29 -15.96 -1.04
CA ASP A 253 -0.91 -15.54 -1.33
C ASP A 253 -0.20 -14.99 -0.10
N ASP A 254 -0.93 -14.19 0.70
CA ASP A 254 -0.37 -13.65 1.92
C ASP A 254 -0.04 -14.76 2.92
N ARG A 255 -0.98 -15.70 3.07
CA ARG A 255 -0.76 -16.87 3.92
C ARG A 255 0.47 -17.65 3.49
N ALA A 256 0.52 -18.02 2.21
CA ALA A 256 1.64 -18.74 1.64
C ALA A 256 2.96 -18.02 1.89
N ASP A 257 2.94 -16.69 1.79
CA ASP A 257 4.14 -15.90 1.98
C ASP A 257 4.68 -16.04 3.40
N LEU A 258 3.78 -15.89 4.39
CA LEU A 258 4.17 -16.00 5.79
C LEU A 258 4.71 -17.39 6.10
N ALA A 259 4.00 -18.42 5.65
CA ALA A 259 4.45 -19.79 5.84
C ALA A 259 5.80 -20.00 5.18
N LYS A 260 5.99 -19.36 4.03
CA LYS A 260 7.23 -19.43 3.29
C LYS A 260 8.38 -18.88 4.13
N TYR A 261 8.16 -17.69 4.70
CA TYR A 261 9.16 -17.04 5.55
C TYR A 261 9.44 -17.82 6.84
N ILE A 262 8.36 -18.28 7.49
CA ILE A 262 8.50 -18.99 8.75
C ILE A 262 9.30 -20.28 8.59
N CYS A 263 9.04 -21.00 7.50
CA CYS A 263 9.73 -22.26 7.24
C CYS A 263 11.20 -22.06 6.91
N GLU A 264 11.54 -20.91 6.33
CA GLU A 264 12.92 -20.61 5.95
C GLU A 264 13.73 -20.09 7.14
N ASN A 265 13.04 -19.57 8.15
CA ASN A 265 13.69 -19.13 9.37
C ASN A 265 13.26 -19.96 10.57
N GLN A 266 13.06 -21.25 10.31
CA GLN A 266 12.73 -22.24 11.32
C GLN A 266 13.62 -22.18 12.55
N ASP A 267 14.93 -22.24 12.34
CA ASP A 267 15.91 -22.21 13.42
C ASP A 267 15.75 -20.97 14.29
N SER A 268 15.32 -19.88 13.67
CA SER A 268 15.17 -18.60 14.37
C SER A 268 13.77 -18.42 14.97
N ILE A 269 12.88 -19.39 14.77
CA ILE A 269 11.52 -19.28 15.25
C ILE A 269 11.11 -20.41 16.21
N SER A 270 11.24 -21.66 15.77
CA SER A 270 10.78 -22.79 16.56
C SER A 270 11.35 -24.12 16.07
N SER A 271 11.61 -25.02 17.01
CA SER A 271 12.18 -26.33 16.68
C SER A 271 11.11 -27.34 16.27
N LYS A 272 9.87 -27.07 16.64
CA LYS A 272 8.78 -28.01 16.40
C LYS A 272 8.03 -27.66 15.12
N LEU A 273 8.77 -27.27 14.09
CA LEU A 273 8.20 -26.75 12.86
C LEU A 273 8.61 -27.57 11.64
N LYS A 274 9.45 -28.58 11.86
CA LYS A 274 10.03 -29.36 10.77
C LYS A 274 9.02 -30.10 9.90
N GLU A 275 8.06 -30.78 10.52
CA GLU A 275 7.10 -31.56 9.76
C GLU A 275 6.11 -30.68 9.00
N CYS A 276 5.73 -29.56 9.61
CA CYS A 276 4.79 -28.64 8.99
C CYS A 276 5.36 -28.08 7.69
N CYS A 277 6.62 -27.68 7.76
CA CYS A 277 7.29 -27.03 6.64
C CYS A 277 7.61 -28.03 5.53
N GLU A 278 7.62 -29.31 5.89
CA GLU A 278 7.80 -30.39 4.92
C GLU A 278 6.55 -30.62 4.07
N LYS A 279 5.38 -30.40 4.67
CA LYS A 279 4.11 -30.59 3.98
C LYS A 279 3.99 -29.67 2.77
N PRO A 280 3.06 -30.01 1.84
CA PRO A 280 2.85 -29.26 0.60
C PRO A 280 2.31 -27.85 0.85
N LEU A 281 2.47 -26.98 -0.14
CA LEU A 281 2.01 -25.59 -0.05
C LEU A 281 0.63 -25.43 0.56
N LEU A 282 -0.32 -26.23 0.07
CA LEU A 282 -1.71 -26.12 0.49
C LEU A 282 -1.90 -26.29 1.99
N GLU A 283 -1.05 -27.10 2.61
CA GLU A 283 -1.21 -27.45 4.02
C GLU A 283 -0.26 -26.69 4.95
N LYS A 284 0.72 -26.00 4.37
CA LYS A 284 1.73 -25.29 5.15
C LYS A 284 1.14 -24.31 6.17
N SER A 285 0.37 -23.34 5.68
CA SER A 285 -0.21 -22.31 6.54
C SER A 285 -1.11 -22.93 7.61
N HIS A 286 -1.96 -23.88 7.20
CA HIS A 286 -2.79 -24.63 8.12
C HIS A 286 -1.95 -25.23 9.25
N CYS A 287 -0.91 -25.96 8.88
CA CYS A 287 -0.06 -26.66 9.83
C CYS A 287 0.59 -25.70 10.82
N ILE A 288 1.23 -24.65 10.29
CA ILE A 288 1.88 -23.65 11.13
C ILE A 288 0.91 -22.99 12.12
N ALA A 289 -0.33 -22.79 11.67
CA ALA A 289 -1.31 -22.02 12.43
C ALA A 289 -1.75 -22.75 13.69
N GLU A 290 -1.56 -24.07 13.74
CA GLU A 290 -1.86 -24.82 14.95
C GLU A 290 -0.73 -25.78 15.30
N VAL A 291 0.50 -25.32 15.16
CA VAL A 291 1.66 -26.10 15.55
C VAL A 291 1.79 -26.14 17.08
N GLU A 292 2.46 -27.17 17.58
CA GLU A 292 2.65 -27.34 19.01
C GLU A 292 3.54 -26.25 19.58
N ASN A 293 3.26 -25.84 20.81
CA ASN A 293 4.13 -24.91 21.53
C ASN A 293 5.56 -25.45 21.66
N ASP A 294 6.54 -24.62 21.31
CA ASP A 294 7.93 -25.00 21.51
C ASP A 294 8.25 -24.95 23.01
N GLU A 295 9.26 -25.71 23.42
CA GLU A 295 9.67 -25.71 24.82
C GLU A 295 10.62 -24.55 25.10
N MET A 296 10.36 -23.84 26.19
CA MET A 296 11.09 -22.61 26.51
C MET A 296 12.47 -22.88 27.10
N PRO A 297 13.41 -21.94 26.86
CA PRO A 297 14.76 -21.94 27.43
C PRO A 297 14.77 -22.18 28.93
N ALA A 298 15.67 -23.03 29.40
CA ALA A 298 15.78 -23.32 30.83
C ALA A 298 16.19 -22.07 31.61
N ASP A 299 17.25 -21.42 31.15
CA ASP A 299 17.76 -20.23 31.82
C ASP A 299 16.94 -18.99 31.46
N LEU A 300 15.83 -18.80 32.16
CA LEU A 300 15.00 -17.62 31.96
C LEU A 300 14.82 -16.85 33.27
N PRO A 301 15.28 -15.59 33.28
CA PRO A 301 15.17 -14.70 34.45
C PRO A 301 13.74 -14.29 34.73
N SER A 302 13.56 -13.43 35.74
CA SER A 302 12.26 -12.86 36.01
C SER A 302 12.15 -11.51 35.31
N LEU A 303 10.91 -11.06 35.08
CA LEU A 303 10.67 -9.82 34.36
C LEU A 303 11.07 -8.60 35.19
N ALA A 304 11.11 -8.78 36.51
CA ALA A 304 11.36 -7.71 37.47
C ALA A 304 12.59 -6.86 37.14
N ALA A 305 13.61 -7.49 36.55
CA ALA A 305 14.84 -6.78 36.23
C ALA A 305 14.61 -5.64 35.23
N ASP A 306 14.00 -5.97 34.09
CA ASP A 306 13.81 -5.00 33.01
C ASP A 306 12.51 -4.21 33.12
N PHE A 307 11.58 -4.69 33.93
CA PHE A 307 10.25 -4.11 33.99
C PHE A 307 9.84 -3.57 35.36
N VAL A 308 10.70 -3.75 36.36
CA VAL A 308 10.35 -3.30 37.70
C VAL A 308 11.50 -2.60 38.44
N GLU A 309 12.61 -3.30 38.60
CA GLU A 309 13.71 -2.81 39.41
C GLU A 309 14.64 -1.88 38.62
N SER A 310 14.65 -2.05 37.30
CA SER A 310 15.49 -1.25 36.43
C SER A 310 15.17 0.23 36.50
N LYS A 311 16.17 1.05 36.25
CA LYS A 311 15.97 2.47 35.99
C LYS A 311 15.67 2.55 34.50
N ASP A 312 15.48 3.76 33.98
CA ASP A 312 15.25 3.93 32.54
C ASP A 312 13.95 3.25 32.10
N VAL A 313 13.05 3.02 33.05
CA VAL A 313 11.83 2.26 32.76
C VAL A 313 10.76 3.15 32.15
N CYS A 314 10.55 4.33 32.73
CA CYS A 314 9.63 5.29 32.16
C CYS A 314 10.19 5.81 30.84
N LYS A 315 11.51 5.97 30.79
CA LYS A 315 12.19 6.44 29.60
C LYS A 315 12.05 5.46 28.43
N ASN A 316 12.23 4.18 28.73
CA ASN A 316 12.09 3.13 27.73
C ASN A 316 10.64 2.96 27.30
N TYR A 317 9.73 3.12 28.26
CA TYR A 317 8.30 2.99 27.98
C TYR A 317 7.76 4.19 27.19
N ALA A 318 8.10 5.39 27.64
CA ALA A 318 7.64 6.61 26.97
C ALA A 318 8.20 6.74 25.56
N GLU A 319 9.34 6.09 25.33
CA GLU A 319 10.03 6.18 24.05
C GLU A 319 9.27 5.42 22.97
N ALA A 320 8.57 4.37 23.41
CA ALA A 320 7.75 3.56 22.53
C ALA A 320 6.84 2.68 23.38
N LYS A 321 5.69 3.24 23.77
CA LYS A 321 4.82 2.61 24.75
C LYS A 321 4.33 1.24 24.32
N ASP A 322 3.84 1.16 23.08
CA ASP A 322 3.28 -0.09 22.59
C ASP A 322 4.37 -1.14 22.37
N VAL A 323 5.54 -0.71 21.94
CA VAL A 323 6.67 -1.62 21.78
C VAL A 323 7.09 -2.21 23.12
N PHE A 324 7.27 -1.33 24.11
CA PHE A 324 7.68 -1.74 25.45
C PHE A 324 6.65 -2.66 26.07
N LEU A 325 5.37 -2.31 25.93
CA LEU A 325 4.28 -3.14 26.44
C LEU A 325 4.29 -4.50 25.75
N GLY A 326 4.55 -4.50 24.45
CA GLY A 326 4.63 -5.74 23.70
C GLY A 326 5.78 -6.62 24.15
N MET A 327 6.84 -5.98 24.64
CA MET A 327 8.00 -6.70 25.15
C MET A 327 7.64 -7.39 26.46
N PHE A 328 7.01 -6.62 27.36
CA PHE A 328 6.49 -7.16 28.60
C PHE A 328 5.56 -8.33 28.32
N LEU A 329 4.70 -8.17 27.32
CA LEU A 329 3.73 -9.19 26.97
C LEU A 329 4.44 -10.40 26.40
N TYR A 330 5.42 -10.16 25.53
CA TYR A 330 6.25 -11.23 24.97
C TYR A 330 7.00 -11.98 26.05
N GLU A 331 7.70 -11.23 26.91
CA GLU A 331 8.49 -11.82 27.98
C GLU A 331 7.63 -12.67 28.92
N TYR A 332 6.44 -12.17 29.23
CA TYR A 332 5.56 -12.85 30.19
C TYR A 332 4.93 -14.10 29.58
N ALA A 333 4.46 -13.98 28.35
CA ALA A 333 3.76 -15.07 27.68
C ALA A 333 4.65 -16.29 27.50
N ARG A 334 5.87 -16.06 27.03
CA ARG A 334 6.80 -17.15 26.74
C ARG A 334 7.13 -17.97 28.00
N ARG A 335 6.93 -17.36 29.16
CA ARG A 335 7.17 -18.07 30.42
C ARG A 335 5.93 -18.82 30.87
N HIS A 336 4.78 -18.45 30.31
CA HIS A 336 3.50 -19.03 30.74
C HIS A 336 2.63 -19.46 29.57
N PRO A 337 2.92 -20.63 29.00
CA PRO A 337 2.03 -21.24 28.02
C PRO A 337 0.81 -21.85 28.72
N ASP A 338 0.88 -21.89 30.04
CA ASP A 338 -0.20 -22.45 30.87
C ASP A 338 -1.30 -21.43 31.08
N TYR A 339 -1.10 -20.22 30.56
CA TYR A 339 -2.08 -19.16 30.69
C TYR A 339 -2.93 -19.01 29.43
N SER A 340 -4.12 -18.45 29.60
CA SER A 340 -4.93 -18.03 28.45
C SER A 340 -4.35 -16.74 27.90
N VAL A 341 -4.53 -16.51 26.60
CA VAL A 341 -4.02 -15.29 25.99
C VAL A 341 -4.66 -14.05 26.61
N VAL A 342 -5.95 -14.14 26.90
CA VAL A 342 -6.69 -13.03 27.49
C VAL A 342 -6.20 -12.70 28.89
N LEU A 343 -5.71 -13.72 29.59
CA LEU A 343 -5.17 -13.52 30.93
C LEU A 343 -3.91 -12.66 30.86
N LEU A 344 -3.04 -13.01 29.93
CA LEU A 344 -1.82 -12.25 29.69
C LEU A 344 -2.15 -10.82 29.28
N LEU A 345 -3.28 -10.66 28.61
CA LEU A 345 -3.75 -9.34 28.18
C LEU A 345 -4.23 -8.50 29.35
N ARG A 346 -4.92 -9.13 30.30
CA ARG A 346 -5.34 -8.45 31.52
C ARG A 346 -4.13 -7.97 32.30
N LEU A 347 -3.07 -8.77 32.28
CA LEU A 347 -1.84 -8.45 32.99
C LEU A 347 -1.10 -7.29 32.32
N ALA A 348 -0.91 -7.40 31.00
CA ALA A 348 -0.26 -6.35 30.23
C ALA A 348 -1.04 -5.04 30.35
N LYS A 349 -2.36 -5.14 30.32
CA LYS A 349 -3.22 -3.98 30.48
C LYS A 349 -3.04 -3.39 31.88
N THR A 350 -2.90 -4.27 32.86
CA THR A 350 -2.70 -3.87 34.25
C THR A 350 -1.36 -3.16 34.42
N TYR A 351 -0.34 -3.71 33.77
CA TYR A 351 0.99 -3.11 33.77
C TYR A 351 0.94 -1.72 33.14
N GLU A 352 0.25 -1.62 32.01
CA GLU A 352 0.04 -0.36 31.31
C GLU A 352 -0.62 0.70 32.18
N THR A 353 -1.69 0.31 32.87
CA THR A 353 -2.46 1.22 33.70
C THR A 353 -1.59 1.89 34.77
N THR A 354 -0.75 1.09 35.41
CA THR A 354 0.10 1.58 36.49
C THR A 354 1.20 2.51 35.99
N LEU A 355 1.81 2.18 34.85
CA LEU A 355 2.85 3.01 34.28
C LEU A 355 2.30 4.38 33.92
N GLU A 356 1.10 4.40 33.35
CA GLU A 356 0.43 5.66 33.03
C GLU A 356 0.17 6.46 34.30
N LYS A 357 -0.02 5.75 35.40
CA LYS A 357 -0.23 6.36 36.71
C LYS A 357 1.07 6.81 37.36
N CYS A 358 2.03 5.90 37.46
CA CYS A 358 3.21 6.10 38.30
C CYS A 358 4.32 6.90 37.63
N CYS A 359 4.41 6.82 36.31
CA CYS A 359 5.42 7.59 35.60
C CYS A 359 5.13 9.09 35.68
N ALA A 360 3.91 9.42 36.09
CA ALA A 360 3.51 10.81 36.28
C ALA A 360 3.69 11.23 37.74
N ALA A 361 4.07 10.27 38.57
CA ALA A 361 4.34 10.53 39.98
C ALA A 361 5.73 11.14 40.13
N ALA A 362 6.02 11.69 41.31
CA ALA A 362 7.32 12.29 41.56
C ALA A 362 8.43 11.26 41.47
N ASP A 363 8.17 10.06 41.99
CA ASP A 363 9.12 8.95 41.86
C ASP A 363 8.38 7.66 41.54
N PRO A 364 8.41 7.25 40.27
CA PRO A 364 7.77 6.06 39.71
C PRO A 364 8.21 4.71 40.32
N HIS A 365 9.42 4.62 40.86
CA HIS A 365 9.97 3.33 41.24
C HIS A 365 9.10 2.57 42.24
N GLU A 366 8.44 3.29 43.14
CA GLU A 366 7.58 2.62 44.12
C GLU A 366 6.33 2.02 43.49
N CYS A 367 5.61 2.82 42.70
CA CYS A 367 4.35 2.35 42.12
C CYS A 367 4.56 1.15 41.21
N TYR A 368 5.80 0.90 40.79
CA TYR A 368 6.08 -0.30 40.01
C TYR A 368 5.96 -1.56 40.87
N ALA A 369 6.41 -1.48 42.12
CA ALA A 369 6.38 -2.62 43.04
C ALA A 369 4.95 -3.13 43.24
N LYS A 370 4.02 -2.20 43.39
CA LYS A 370 2.59 -2.52 43.46
C LYS A 370 2.15 -3.45 42.34
N VAL A 371 2.72 -3.23 41.16
CA VAL A 371 2.26 -3.86 39.91
C VAL A 371 2.12 -5.38 39.96
N PHE A 372 3.21 -6.08 40.26
CA PHE A 372 3.21 -7.54 40.22
C PHE A 372 2.29 -8.16 41.27
N ASP A 373 2.12 -7.47 42.40
CA ASP A 373 1.16 -7.90 43.40
C ASP A 373 -0.24 -7.93 42.81
N GLU A 374 -0.54 -6.93 41.99
CA GLU A 374 -1.84 -6.83 41.32
C GLU A 374 -2.08 -7.98 40.36
N PHE A 375 -1.01 -8.52 39.80
CA PHE A 375 -1.09 -9.64 38.86
C PHE A 375 -1.73 -10.88 39.48
N LYS A 376 -1.34 -11.21 40.71
CA LYS A 376 -1.70 -12.48 41.34
C LYS A 376 -3.21 -12.71 41.48
N PRO A 377 -3.96 -11.70 41.95
CA PRO A 377 -5.41 -11.87 42.04
C PRO A 377 -6.07 -12.08 40.68
N LEU A 378 -5.59 -11.37 39.66
CA LEU A 378 -6.11 -11.53 38.30
C LEU A 378 -5.82 -12.92 37.74
N VAL A 379 -4.65 -13.45 38.06
CA VAL A 379 -4.23 -14.76 37.57
C VAL A 379 -5.04 -15.91 38.19
N GLU A 380 -5.25 -15.83 39.50
CA GLU A 380 -5.93 -16.90 40.24
C GLU A 380 -7.42 -16.99 39.95
N GLU A 381 -8.01 -15.90 39.45
CA GLU A 381 -9.44 -15.87 39.17
C GLU A 381 -9.87 -17.03 38.26
N PRO A 382 -9.23 -17.14 37.08
CA PRO A 382 -9.57 -18.23 36.16
C PRO A 382 -9.10 -19.59 36.66
N GLN A 383 -7.99 -19.61 37.40
CA GLN A 383 -7.45 -20.86 37.93
C GLN A 383 -8.42 -21.53 38.91
N ASN A 384 -8.95 -20.76 39.85
CA ASN A 384 -9.95 -21.25 40.80
C ASN A 384 -11.19 -21.82 40.11
N LEU A 385 -11.76 -21.05 39.19
CA LEU A 385 -12.94 -21.48 38.42
C LEU A 385 -12.74 -22.86 37.80
N ILE A 386 -11.54 -23.10 37.28
CA ILE A 386 -11.25 -24.36 36.60
C ILE A 386 -11.17 -25.51 37.59
N LYS A 387 -10.44 -25.30 38.68
CA LYS A 387 -10.35 -26.30 39.74
C LYS A 387 -11.73 -26.74 40.20
N GLN A 388 -12.52 -25.79 40.67
CA GLN A 388 -13.86 -26.06 41.20
C GLN A 388 -14.76 -26.77 40.19
N ASN A 389 -14.83 -26.23 38.98
CA ASN A 389 -15.74 -26.76 37.97
C ASN A 389 -15.36 -28.15 37.49
N CYS A 390 -14.06 -28.42 37.41
CA CYS A 390 -13.59 -29.74 37.01
C CYS A 390 -13.80 -30.74 38.15
N GLU A 391 -13.69 -30.25 39.38
CA GLU A 391 -14.04 -31.07 40.55
C GLU A 391 -15.51 -31.42 40.50
N LEU A 392 -16.33 -30.40 40.24
CA LEU A 392 -17.77 -30.56 40.09
C LEU A 392 -18.08 -31.56 38.98
N PHE A 393 -17.34 -31.44 37.88
CA PHE A 393 -17.51 -32.34 36.74
C PHE A 393 -17.05 -33.76 37.06
N GLU A 394 -16.14 -33.89 38.02
CA GLU A 394 -15.66 -35.21 38.44
C GLU A 394 -16.70 -35.95 39.27
N GLN A 395 -17.26 -35.26 40.25
CA GLN A 395 -18.22 -35.84 41.18
C GLN A 395 -19.54 -36.21 40.49
N LEU A 396 -20.01 -35.32 39.64
CA LEU A 396 -21.25 -35.53 38.90
C LEU A 396 -20.92 -35.97 37.49
N GLY A 397 -21.83 -36.66 36.81
CA GLY A 397 -21.58 -37.07 35.45
C GLY A 397 -21.56 -35.85 34.56
N GLU A 398 -21.21 -36.02 33.29
CA GLU A 398 -21.28 -34.93 32.33
C GLU A 398 -22.72 -34.43 32.26
N TYR A 399 -23.65 -35.37 32.27
CA TYR A 399 -25.08 -35.07 32.23
C TYR A 399 -25.54 -34.30 33.46
N LYS A 400 -25.19 -34.81 34.64
CA LYS A 400 -25.56 -34.14 35.89
C LYS A 400 -24.79 -32.84 36.05
N PHE A 401 -23.62 -32.76 35.42
CA PHE A 401 -22.82 -31.53 35.45
C PHE A 401 -23.50 -30.46 34.60
N GLN A 402 -24.08 -30.89 33.49
CA GLN A 402 -24.82 -29.99 32.60
C GLN A 402 -26.04 -29.43 33.31
N ASN A 403 -26.70 -30.28 34.09
CA ASN A 403 -27.87 -29.88 34.85
C ASN A 403 -27.53 -28.89 35.96
N ALA A 404 -26.34 -29.06 36.56
CA ALA A 404 -25.87 -28.13 37.58
C ALA A 404 -25.74 -26.73 36.99
N LEU A 405 -25.07 -26.62 35.85
CA LEU A 405 -24.93 -25.36 35.13
C LEU A 405 -26.30 -24.83 34.72
N LEU A 406 -27.14 -25.74 34.24
CA LEU A 406 -28.50 -25.43 33.80
C LEU A 406 -29.25 -24.58 34.81
N VAL A 407 -29.40 -25.09 36.03
CA VAL A 407 -30.03 -24.36 37.12
C VAL A 407 -29.33 -23.03 37.40
N ARG A 408 -28.00 -23.05 37.33
CA ARG A 408 -27.19 -21.88 37.65
C ARG A 408 -27.45 -20.72 36.69
N TYR A 409 -27.45 -21.00 35.39
CA TYR A 409 -27.58 -19.96 34.39
C TYR A 409 -29.03 -19.55 34.18
N THR A 410 -29.95 -20.46 34.46
CA THR A 410 -31.38 -20.15 34.39
C THR A 410 -31.74 -19.18 35.51
N LYS A 411 -31.07 -19.32 36.65
CA LYS A 411 -31.32 -18.42 37.78
C LYS A 411 -30.59 -17.10 37.62
N LYS A 412 -29.56 -17.09 36.77
CA LYS A 412 -28.79 -15.88 36.51
C LYS A 412 -29.46 -15.04 35.42
N VAL A 413 -29.97 -15.72 34.40
CA VAL A 413 -30.60 -15.05 33.27
C VAL A 413 -31.83 -15.82 32.79
N PRO A 414 -32.92 -15.75 33.57
CA PRO A 414 -34.15 -16.51 33.31
C PRO A 414 -34.90 -16.03 32.07
N GLN A 415 -34.59 -14.83 31.59
CA GLN A 415 -35.29 -14.26 30.44
C GLN A 415 -34.90 -14.97 29.15
N VAL A 416 -33.76 -15.64 29.18
CA VAL A 416 -33.27 -16.36 28.01
C VAL A 416 -34.23 -17.47 27.61
N SER A 417 -34.37 -17.69 26.31
CA SER A 417 -35.21 -18.76 25.79
C SER A 417 -34.74 -20.11 26.34
N THR A 418 -35.68 -21.04 26.48
CA THR A 418 -35.38 -22.34 27.06
C THR A 418 -34.41 -23.16 26.20
N PRO A 419 -34.64 -23.19 24.88
CA PRO A 419 -33.76 -23.93 23.99
C PRO A 419 -32.31 -23.43 24.03
N THR A 420 -32.15 -22.12 24.19
CA THR A 420 -30.82 -21.52 24.27
C THR A 420 -30.07 -21.95 25.53
N LEU A 421 -30.78 -21.90 26.66
CA LEU A 421 -30.20 -22.31 27.94
C LEU A 421 -29.79 -23.78 27.93
N VAL A 422 -30.63 -24.61 27.34
CA VAL A 422 -30.34 -26.04 27.25
C VAL A 422 -29.10 -26.29 26.39
N GLU A 423 -29.00 -25.57 25.28
CA GLU A 423 -27.88 -25.75 24.36
C GLU A 423 -26.54 -25.30 24.94
N VAL A 424 -26.49 -24.07 25.46
CA VAL A 424 -25.26 -23.56 26.04
C VAL A 424 -24.82 -24.40 27.23
N SER A 425 -25.77 -24.93 27.99
CA SER A 425 -25.46 -25.73 29.17
C SER A 425 -24.88 -27.09 28.79
N ARG A 426 -25.44 -27.70 27.75
CA ARG A 426 -24.92 -28.96 27.24
C ARG A 426 -23.52 -28.77 26.66
N ASN A 427 -23.29 -27.62 26.02
CA ASN A 427 -22.01 -27.35 25.39
C ASN A 427 -20.91 -27.02 26.40
N LEU A 428 -21.25 -26.27 27.44
CA LEU A 428 -20.30 -25.98 28.51
C LEU A 428 -19.93 -27.27 29.21
N GLY A 429 -20.91 -28.16 29.34
CA GLY A 429 -20.67 -29.50 29.84
C GLY A 429 -19.61 -30.21 29.03
N LYS A 430 -19.76 -30.19 27.71
CA LYS A 430 -18.83 -30.84 26.82
C LYS A 430 -17.42 -30.26 26.98
N VAL A 431 -17.35 -28.95 27.16
CA VAL A 431 -16.08 -28.27 27.41
C VAL A 431 -15.42 -28.86 28.65
N GLY A 432 -16.22 -29.07 29.69
CA GLY A 432 -15.76 -29.72 30.90
C GLY A 432 -15.16 -31.08 30.65
N SER A 433 -15.83 -31.89 29.82
CA SER A 433 -15.34 -33.22 29.49
C SER A 433 -14.00 -33.19 28.78
N LYS A 434 -13.81 -32.18 27.92
CA LYS A 434 -12.65 -32.12 27.05
C LYS A 434 -11.44 -31.47 27.72
N CYS A 435 -11.69 -30.48 28.57
CA CYS A 435 -10.62 -29.69 29.15
C CYS A 435 -10.19 -30.20 30.52
N CYS A 436 -11.15 -30.67 31.31
CA CYS A 436 -10.83 -31.19 32.64
C CYS A 436 -9.98 -32.46 32.59
N LYS A 437 -9.87 -33.05 31.40
CA LYS A 437 -9.02 -34.21 31.21
C LYS A 437 -7.57 -33.78 31.00
N HIS A 438 -7.35 -32.49 30.77
CA HIS A 438 -6.01 -31.93 30.73
C HIS A 438 -5.51 -31.62 32.13
N PRO A 439 -4.19 -31.62 32.33
CA PRO A 439 -3.64 -31.15 33.60
C PRO A 439 -3.74 -29.63 33.68
N GLU A 440 -3.55 -29.07 34.87
CA GLU A 440 -3.69 -27.62 35.06
C GLU A 440 -2.80 -26.83 34.12
N ALA A 441 -1.59 -27.35 33.88
CA ALA A 441 -0.62 -26.72 32.99
C ALA A 441 -1.20 -26.35 31.62
N LYS A 442 -2.23 -27.07 31.19
CA LYS A 442 -2.79 -26.87 29.86
C LYS A 442 -4.29 -26.61 29.87
N ARG A 443 -4.86 -26.45 31.06
CA ARG A 443 -6.32 -26.35 31.20
C ARG A 443 -6.88 -24.99 30.79
N MET A 444 -6.17 -23.91 31.15
CA MET A 444 -6.71 -22.57 30.94
C MET A 444 -6.75 -22.19 29.46
N PRO A 445 -5.69 -22.48 28.70
CA PRO A 445 -5.75 -22.24 27.25
C PRO A 445 -6.84 -23.07 26.59
N CYS A 446 -7.00 -24.32 27.02
CA CYS A 446 -8.06 -25.19 26.52
C CYS A 446 -9.44 -24.57 26.69
N ALA A 447 -9.75 -24.13 27.91
CA ALA A 447 -11.03 -23.51 28.22
C ALA A 447 -11.26 -22.24 27.40
N GLU A 448 -10.23 -21.40 27.29
CA GLU A 448 -10.32 -20.17 26.52
C GLU A 448 -10.75 -20.43 25.09
N ASP A 449 -10.20 -21.49 24.51
CA ASP A 449 -10.46 -21.83 23.12
C ASP A 449 -11.93 -22.17 22.86
N TYR A 450 -12.53 -22.93 23.78
CA TYR A 450 -13.91 -23.38 23.60
C TYR A 450 -14.91 -22.33 24.08
N LEU A 451 -14.63 -21.76 25.24
CA LEU A 451 -15.50 -20.72 25.79
C LEU A 451 -15.60 -19.53 24.84
N SER A 452 -14.50 -19.23 24.16
CA SER A 452 -14.47 -18.12 23.20
C SER A 452 -15.55 -18.25 22.13
N VAL A 453 -15.71 -19.44 21.58
CA VAL A 453 -16.71 -19.68 20.55
C VAL A 453 -18.11 -19.79 21.15
N VAL A 454 -18.22 -20.54 22.25
CA VAL A 454 -19.49 -20.70 22.95
C VAL A 454 -20.03 -19.36 23.45
N LEU A 455 -19.13 -18.47 23.88
CA LEU A 455 -19.54 -17.18 24.43
C LEU A 455 -19.87 -16.17 23.35
N ASN A 456 -19.26 -16.31 22.17
CA ASN A 456 -19.53 -15.40 21.07
C ASN A 456 -20.70 -15.90 20.24
N GLN A 457 -20.83 -17.22 20.16
CA GLN A 457 -22.03 -17.85 19.62
C GLN A 457 -23.23 -17.35 20.40
N LEU A 458 -23.11 -17.42 21.73
CA LEU A 458 -24.13 -16.95 22.65
C LEU A 458 -24.50 -15.49 22.40
N CYS A 459 -23.49 -14.68 22.11
CA CYS A 459 -23.68 -13.24 21.92
C CYS A 459 -24.30 -12.92 20.57
N VAL A 460 -24.04 -13.77 19.58
CA VAL A 460 -24.61 -13.58 18.25
C VAL A 460 -26.13 -13.75 18.27
N LEU A 461 -26.58 -14.84 18.87
CA LEU A 461 -28.02 -15.11 19.02
C LEU A 461 -28.71 -13.98 19.77
N HIS A 462 -28.00 -13.42 20.75
CA HIS A 462 -28.54 -12.33 21.55
C HIS A 462 -28.62 -11.04 20.73
N GLU A 463 -27.62 -10.83 19.88
CA GLU A 463 -27.64 -9.73 18.93
C GLU A 463 -28.97 -9.68 18.18
N LYS A 464 -29.34 -10.81 17.58
CA LYS A 464 -30.58 -10.89 16.80
C LYS A 464 -31.81 -10.72 17.67
N THR A 465 -31.81 -11.39 18.83
CA THR A 465 -32.97 -11.38 19.70
C THR A 465 -32.56 -11.07 21.14
N PRO A 466 -32.28 -9.78 21.43
CA PRO A 466 -31.86 -9.35 22.76
C PRO A 466 -32.91 -9.66 23.83
N VAL A 467 -32.44 -10.09 25.00
CA VAL A 467 -33.33 -10.51 26.06
C VAL A 467 -32.91 -9.94 27.42
N SER A 468 -31.64 -9.54 27.53
CA SER A 468 -31.12 -9.01 28.78
C SER A 468 -30.03 -7.97 28.54
N ASP A 469 -30.06 -6.90 29.33
CA ASP A 469 -29.07 -5.83 29.23
C ASP A 469 -27.72 -6.31 29.73
N ARG A 470 -27.76 -7.09 30.80
CA ARG A 470 -26.55 -7.61 31.43
C ARG A 470 -25.80 -8.56 30.49
N VAL A 471 -26.55 -9.30 29.68
CA VAL A 471 -25.95 -10.18 28.69
C VAL A 471 -25.42 -9.40 27.49
N THR A 472 -26.06 -8.26 27.22
CA THR A 472 -25.64 -7.42 26.11
C THR A 472 -24.46 -6.55 26.50
N LYS A 473 -24.31 -6.29 27.79
CA LYS A 473 -23.15 -5.56 28.29
C LYS A 473 -21.90 -6.44 28.19
N CYS A 474 -22.09 -7.74 28.41
CA CYS A 474 -20.98 -8.68 28.36
C CYS A 474 -20.58 -8.97 26.92
N CYS A 475 -21.57 -9.00 26.04
CA CYS A 475 -21.36 -9.31 24.63
C CYS A 475 -20.70 -8.15 23.88
N THR A 476 -20.77 -6.95 24.45
CA THR A 476 -20.32 -5.75 23.75
C THR A 476 -19.14 -5.06 24.43
N GLU A 477 -18.63 -5.65 25.51
CA GLU A 477 -17.43 -5.12 26.15
C GLU A 477 -16.18 -5.76 25.55
N SER A 478 -15.02 -5.29 26.00
CA SER A 478 -13.74 -5.83 25.57
C SER A 478 -13.72 -7.36 25.64
N LEU A 479 -13.24 -7.99 24.58
CA LEU A 479 -13.15 -9.46 24.53
C LEU A 479 -12.20 -10.05 25.57
N VAL A 480 -11.63 -9.19 26.41
CA VAL A 480 -10.79 -9.67 27.51
C VAL A 480 -11.59 -9.67 28.81
N ASN A 481 -12.62 -8.82 28.86
CA ASN A 481 -13.52 -8.77 30.00
C ASN A 481 -14.78 -9.60 29.77
N ARG A 482 -14.96 -10.07 28.54
CA ARG A 482 -16.13 -10.85 28.16
C ARG A 482 -16.45 -11.99 29.12
N ARG A 483 -15.56 -12.98 29.18
CA ARG A 483 -15.77 -14.15 30.03
C ARG A 483 -15.92 -13.78 31.50
N PRO A 484 -15.04 -12.92 32.03
CA PRO A 484 -15.19 -12.48 33.41
C PRO A 484 -16.51 -11.74 33.63
N CYS A 485 -16.97 -11.03 32.62
CA CYS A 485 -18.25 -10.33 32.69
C CYS A 485 -19.40 -11.33 32.89
N PHE A 486 -19.36 -12.42 32.14
CA PHE A 486 -20.36 -13.47 32.28
C PHE A 486 -20.25 -14.12 33.66
N SER A 487 -19.03 -14.30 34.12
CA SER A 487 -18.77 -14.90 35.43
C SER A 487 -19.25 -14.00 36.55
N ALA A 488 -19.46 -12.71 36.23
CA ALA A 488 -19.87 -11.73 37.22
C ALA A 488 -21.39 -11.70 37.36
N LEU A 489 -22.08 -12.47 36.53
CA LEU A 489 -23.54 -12.52 36.61
C LEU A 489 -23.99 -13.17 37.90
N GLU A 490 -24.87 -12.49 38.62
CA GLU A 490 -25.47 -13.05 39.82
C GLU A 490 -26.91 -13.44 39.52
N VAL A 491 -27.54 -14.12 40.48
CA VAL A 491 -28.93 -14.53 40.32
C VAL A 491 -29.83 -13.30 40.16
N ASP A 492 -30.75 -13.37 39.20
CA ASP A 492 -31.65 -12.26 38.91
C ASP A 492 -32.77 -12.14 39.93
N GLU A 493 -32.63 -11.18 40.85
CA GLU A 493 -33.64 -10.94 41.87
C GLU A 493 -34.86 -10.22 41.30
N THR A 494 -34.72 -9.69 40.09
CA THR A 494 -35.81 -9.00 39.41
C THR A 494 -36.90 -9.95 38.92
N TYR A 495 -36.46 -11.10 38.40
CA TYR A 495 -37.33 -12.02 37.65
C TYR A 495 -38.65 -12.36 38.34
N VAL A 496 -39.74 -12.14 37.64
CA VAL A 496 -41.06 -12.63 38.05
C VAL A 496 -41.25 -14.04 37.53
N PRO A 497 -41.55 -14.99 38.42
CA PRO A 497 -41.75 -16.40 38.05
C PRO A 497 -42.82 -16.55 36.97
N LYS A 498 -42.54 -17.32 35.93
CA LYS A 498 -43.50 -17.50 34.85
C LYS A 498 -44.67 -18.34 35.34
N GLU A 499 -45.86 -18.08 34.79
CA GLU A 499 -47.07 -18.72 35.29
C GLU A 499 -47.09 -20.21 34.94
N PHE A 500 -47.74 -20.99 35.78
CA PHE A 500 -47.77 -22.43 35.66
C PHE A 500 -48.41 -22.89 34.35
N ASN A 501 -47.93 -24.02 33.84
CA ASN A 501 -48.55 -24.65 32.68
C ASN A 501 -48.43 -26.18 32.79
N ALA A 502 -49.57 -26.85 32.89
CA ALA A 502 -49.61 -28.30 33.09
C ALA A 502 -48.99 -29.03 31.90
N GLU A 503 -49.24 -28.52 30.70
CA GLU A 503 -48.70 -29.08 29.47
C GLU A 503 -47.17 -29.17 29.49
N THR A 504 -46.52 -28.10 29.95
CA THR A 504 -45.06 -28.04 30.01
C THR A 504 -44.49 -29.14 30.90
N PHE A 505 -45.27 -29.56 31.89
CA PHE A 505 -44.85 -30.63 32.80
C PHE A 505 -45.69 -31.88 32.60
N THR A 506 -46.19 -32.06 31.39
CA THR A 506 -46.95 -33.25 31.02
C THR A 506 -46.08 -34.16 30.16
N PHE A 507 -45.90 -35.40 30.59
CA PHE A 507 -45.01 -36.33 29.90
C PHE A 507 -45.76 -37.57 29.42
N HIS A 508 -45.46 -37.99 28.20
CA HIS A 508 -46.09 -39.18 27.63
C HIS A 508 -45.09 -40.33 27.54
N ALA A 509 -45.57 -41.47 27.04
CA ALA A 509 -44.78 -42.70 27.03
C ALA A 509 -43.73 -42.71 25.93
N ASP A 510 -43.84 -41.76 25.00
CA ASP A 510 -42.93 -41.68 23.86
C ASP A 510 -41.47 -41.50 24.29
N ILE A 511 -41.26 -40.88 25.44
CA ILE A 511 -39.90 -40.59 25.91
C ILE A 511 -39.14 -41.88 26.24
N CYS A 512 -39.87 -42.97 26.42
CA CYS A 512 -39.25 -44.25 26.74
C CYS A 512 -38.56 -44.83 25.51
N THR A 513 -38.98 -44.36 24.33
CA THR A 513 -38.39 -44.82 23.07
C THR A 513 -37.35 -43.84 22.56
N LEU A 514 -37.54 -42.56 22.88
CA LEU A 514 -36.58 -41.52 22.55
C LEU A 514 -35.13 -41.92 22.79
N SER A 515 -34.23 -41.43 21.95
CA SER A 515 -32.81 -41.73 22.07
C SER A 515 -32.24 -41.17 23.38
N GLU A 516 -31.10 -41.68 23.79
CA GLU A 516 -30.45 -41.27 25.03
C GLU A 516 -30.21 -39.76 25.03
N LYS A 517 -29.98 -39.21 23.84
CA LYS A 517 -29.67 -37.79 23.70
C LYS A 517 -30.88 -36.89 23.94
N GLU A 518 -32.04 -37.27 23.41
CA GLU A 518 -33.19 -36.38 23.45
C GLU A 518 -34.18 -36.71 24.56
N ARG A 519 -33.96 -37.83 25.25
CA ARG A 519 -34.65 -38.06 26.51
C ARG A 519 -34.08 -37.07 27.50
N GLN A 520 -32.76 -36.87 27.41
CA GLN A 520 -32.05 -35.91 28.23
C GLN A 520 -32.47 -34.48 27.89
N ILE A 521 -32.56 -34.17 26.60
CA ILE A 521 -32.94 -32.84 26.15
C ILE A 521 -34.34 -32.47 26.64
N LYS A 522 -35.26 -33.42 26.59
CA LYS A 522 -36.62 -33.19 27.08
C LYS A 522 -36.64 -33.02 28.59
N LYS A 523 -35.83 -33.82 29.28
CA LYS A 523 -35.69 -33.69 30.72
C LYS A 523 -35.06 -32.36 31.11
N GLN A 524 -34.04 -31.95 30.37
CA GLN A 524 -33.34 -30.70 30.65
C GLN A 524 -34.20 -29.49 30.29
N THR A 525 -35.02 -29.62 29.26
CA THR A 525 -35.98 -28.58 28.90
C THR A 525 -36.95 -28.34 30.06
N ALA A 526 -37.40 -29.43 30.67
CA ALA A 526 -38.33 -29.35 31.79
C ALA A 526 -37.66 -28.79 33.04
N LEU A 527 -36.37 -29.06 33.17
CA LEU A 527 -35.60 -28.58 34.32
C LEU A 527 -35.48 -27.06 34.28
N VAL A 528 -35.28 -26.52 33.07
CA VAL A 528 -35.25 -25.08 32.88
C VAL A 528 -36.61 -24.47 33.17
N GLU A 529 -37.66 -25.10 32.62
CA GLU A 529 -39.03 -24.64 32.83
C GLU A 529 -39.42 -24.73 34.31
N LEU A 530 -38.86 -25.71 35.00
CA LEU A 530 -39.06 -25.84 36.45
C LEU A 530 -38.43 -24.65 37.17
N VAL A 531 -37.16 -24.41 36.90
CA VAL A 531 -36.42 -23.32 37.53
C VAL A 531 -37.04 -21.95 37.21
N LYS A 532 -37.60 -21.84 36.00
CA LYS A 532 -38.25 -20.59 35.60
C LYS A 532 -39.57 -20.37 36.35
N HIS A 533 -40.31 -21.46 36.58
CA HIS A 533 -41.61 -21.35 37.24
C HIS A 533 -41.46 -21.06 38.73
N LYS A 534 -40.48 -21.68 39.36
CA LYS A 534 -40.18 -21.40 40.76
C LYS A 534 -38.67 -21.21 40.96
N PRO A 535 -38.18 -20.01 40.62
CA PRO A 535 -36.76 -19.64 40.62
C PRO A 535 -36.15 -19.56 42.02
N LYS A 536 -36.99 -19.53 43.04
CA LYS A 536 -36.52 -19.39 44.42
C LYS A 536 -36.39 -20.75 45.09
N ALA A 537 -36.39 -21.81 44.28
CA ALA A 537 -36.25 -23.17 44.79
C ALA A 537 -34.81 -23.45 45.20
N THR A 538 -34.64 -24.12 46.33
CA THR A 538 -33.31 -24.46 46.83
C THR A 538 -32.76 -25.70 46.12
N LYS A 539 -31.46 -25.94 46.27
CA LYS A 539 -30.82 -27.08 45.65
C LYS A 539 -31.36 -28.41 46.20
N GLU A 540 -31.74 -28.40 47.47
CA GLU A 540 -32.29 -29.60 48.10
C GLU A 540 -33.70 -29.86 47.58
N GLN A 541 -34.49 -28.80 47.52
CA GLN A 541 -35.85 -28.87 47.00
C GLN A 541 -35.87 -29.31 45.55
N LEU A 542 -34.98 -28.72 44.75
CA LEU A 542 -34.89 -29.05 43.33
C LEU A 542 -34.43 -30.49 43.12
N LYS A 543 -33.50 -30.94 43.96
CA LYS A 543 -33.01 -32.32 43.90
C LYS A 543 -34.15 -33.29 44.20
N ALA A 544 -34.99 -32.91 45.15
CA ALA A 544 -36.14 -33.73 45.55
C ALA A 544 -37.12 -33.88 44.39
N VAL A 545 -37.47 -32.75 43.78
CA VAL A 545 -38.35 -32.75 42.61
C VAL A 545 -37.79 -33.61 41.49
N MET A 546 -36.49 -33.44 41.21
CA MET A 546 -35.84 -34.20 40.15
C MET A 546 -35.78 -35.69 40.47
N ASP A 547 -35.57 -36.02 41.73
CA ASP A 547 -35.52 -37.41 42.16
C ASP A 547 -36.86 -38.12 41.93
N ASP A 548 -37.93 -37.47 42.38
CA ASP A 548 -39.28 -37.99 42.19
C ASP A 548 -39.58 -38.20 40.71
N PHE A 549 -39.24 -37.20 39.90
CA PHE A 549 -39.39 -37.30 38.45
C PHE A 549 -38.64 -38.50 37.90
N ALA A 550 -37.36 -38.62 38.25
CA ALA A 550 -36.51 -39.69 37.76
C ALA A 550 -37.09 -41.07 38.06
N ALA A 551 -37.54 -41.26 39.29
CA ALA A 551 -38.16 -42.52 39.69
C ALA A 551 -39.51 -42.67 39.01
N PHE A 552 -40.20 -41.54 38.84
CA PHE A 552 -41.49 -41.51 38.16
C PHE A 552 -41.38 -42.06 36.73
N VAL A 553 -40.27 -41.76 36.07
CA VAL A 553 -40.04 -42.22 34.71
C VAL A 553 -39.73 -43.71 34.67
N GLU A 554 -38.91 -44.16 35.62
CA GLU A 554 -38.51 -45.56 35.67
C GLU A 554 -39.67 -46.46 36.10
N LYS A 555 -40.66 -45.86 36.76
CA LYS A 555 -41.83 -46.61 37.21
C LYS A 555 -42.88 -46.74 36.10
N CYS A 556 -42.86 -45.80 35.16
CA CYS A 556 -43.83 -45.79 34.07
C CYS A 556 -43.27 -46.47 32.84
N CYS A 557 -41.94 -46.54 32.76
CA CYS A 557 -41.26 -47.17 31.64
C CYS A 557 -40.93 -48.61 32.00
N LYS A 558 -41.53 -49.08 33.09
CA LYS A 558 -41.29 -50.43 33.60
C LYS A 558 -42.61 -51.19 33.74
N ALA A 559 -43.71 -50.48 33.61
CA ALA A 559 -45.04 -51.04 33.85
C ALA A 559 -45.60 -51.75 32.61
N ASP A 560 -46.54 -52.67 32.85
CA ASP A 560 -47.21 -53.38 31.77
C ASP A 560 -47.98 -52.40 30.90
N ASP A 561 -48.67 -51.47 31.55
CA ASP A 561 -49.32 -50.36 30.86
C ASP A 561 -48.43 -49.15 31.09
N LYS A 562 -48.41 -48.22 30.14
CA LYS A 562 -47.47 -47.11 30.22
C LYS A 562 -48.12 -45.73 30.15
N GLU A 563 -48.91 -45.49 29.10
CA GLU A 563 -49.47 -44.16 28.88
C GLU A 563 -50.43 -43.73 29.99
N THR A 564 -51.02 -44.69 30.68
CA THR A 564 -51.90 -44.37 31.81
C THR A 564 -51.08 -43.97 33.02
N CYS A 565 -49.97 -44.67 33.24
CA CYS A 565 -49.06 -44.35 34.33
C CYS A 565 -48.49 -42.94 34.21
N PHE A 566 -48.16 -42.55 32.98
CA PHE A 566 -47.58 -41.24 32.74
C PHE A 566 -48.61 -40.13 32.95
N ALA A 567 -49.89 -40.48 32.85
CA ALA A 567 -50.95 -39.50 32.99
C ALA A 567 -51.54 -39.50 34.39
N GLU A 568 -51.42 -40.62 35.09
CA GLU A 568 -52.00 -40.73 36.43
C GLU A 568 -50.97 -40.42 37.52
N GLU A 569 -49.86 -41.16 37.54
CA GLU A 569 -48.76 -40.85 38.44
C GLU A 569 -48.18 -39.48 38.09
N GLY A 570 -48.28 -39.11 36.82
CA GLY A 570 -47.87 -37.79 36.37
C GLY A 570 -48.63 -36.71 37.12
N LYS A 571 -49.95 -36.87 37.20
CA LYS A 571 -50.80 -35.97 37.97
C LYS A 571 -50.36 -35.91 39.43
N LYS A 572 -49.99 -37.06 39.98
CA LYS A 572 -49.53 -37.15 41.36
C LYS A 572 -48.21 -36.39 41.56
N LEU A 573 -47.27 -36.61 40.66
CA LEU A 573 -45.95 -35.99 40.73
C LEU A 573 -46.03 -34.46 40.67
N VAL A 574 -46.82 -33.96 39.72
CA VAL A 574 -47.00 -32.53 39.54
C VAL A 574 -47.65 -31.87 40.76
N ALA A 575 -48.64 -32.55 41.34
CA ALA A 575 -49.35 -32.01 42.49
C ALA A 575 -48.43 -31.91 43.71
N ALA A 576 -47.76 -33.02 44.03
CA ALA A 576 -46.83 -33.07 45.14
C ALA A 576 -45.70 -32.05 44.99
N SER A 577 -45.27 -31.84 43.75
CA SER A 577 -44.16 -30.93 43.47
C SER A 577 -44.57 -29.47 43.66
N GLN A 578 -45.76 -29.11 43.18
CA GLN A 578 -46.27 -27.77 43.36
C GLN A 578 -46.38 -27.44 44.84
N ALA A 579 -46.68 -28.45 45.64
CA ALA A 579 -46.88 -28.30 47.07
C ALA A 579 -45.55 -28.00 47.78
N ALA A 580 -44.55 -28.84 47.51
CA ALA A 580 -43.22 -28.67 48.11
C ALA A 580 -42.62 -27.30 47.83
N LEU A 581 -42.71 -26.85 46.58
CA LEU A 581 -42.12 -25.58 46.18
C LEU A 581 -43.09 -24.42 46.36
N HIS B 1 0.64 7.66 15.71
CA HIS B 1 0.93 8.91 15.03
C HIS B 1 0.53 10.11 15.88
N LYS B 2 0.72 9.99 17.19
CA LYS B 2 0.43 11.09 18.11
C LYS B 2 1.17 12.36 17.70
N SER B 3 2.44 12.19 17.35
CA SER B 3 3.28 13.34 17.02
C SER B 3 3.77 13.28 15.58
N GLU B 4 3.41 14.29 14.80
CA GLU B 4 3.85 14.38 13.42
C GLU B 4 5.34 14.70 13.36
N VAL B 5 5.77 15.61 14.24
CA VAL B 5 7.17 16.04 14.28
C VAL B 5 8.08 14.91 14.79
N ALA B 6 7.60 14.14 15.76
CA ALA B 6 8.36 13.02 16.30
C ALA B 6 8.56 11.95 15.24
N HIS B 7 7.53 11.72 14.45
CA HIS B 7 7.56 10.71 13.40
C HIS B 7 8.49 11.14 12.26
N ARG B 8 8.41 12.42 11.90
CA ARG B 8 9.26 12.96 10.84
C ARG B 8 10.72 12.87 11.23
N PHE B 9 11.01 13.13 12.50
CA PHE B 9 12.38 13.12 13.01
C PHE B 9 12.96 11.71 12.99
N LYS B 10 12.13 10.71 13.23
CA LYS B 10 12.58 9.32 13.22
C LYS B 10 12.84 8.82 11.80
N ASP B 11 12.07 9.32 10.85
CA ASP B 11 12.15 8.84 9.47
C ASP B 11 13.31 9.47 8.72
N LEU B 12 13.53 10.76 8.95
CA LEU B 12 14.52 11.51 8.19
C LEU B 12 15.88 11.44 8.84
N GLY B 13 15.91 11.48 10.17
CA GLY B 13 17.14 11.58 10.92
C GLY B 13 17.48 13.02 11.23
N GLU B 14 18.09 13.24 12.40
CA GLU B 14 18.44 14.58 12.87
C GLU B 14 19.09 15.46 11.80
N GLU B 15 20.11 14.93 11.13
CA GLU B 15 20.82 15.72 10.11
C GLU B 15 19.90 16.16 8.98
N ASN B 16 19.24 15.20 8.34
CA ASN B 16 18.32 15.51 7.25
C ASN B 16 17.16 16.40 7.72
N PHE B 17 16.69 16.15 8.93
CA PHE B 17 15.62 16.93 9.54
C PHE B 17 15.99 18.42 9.61
N LYS B 18 17.13 18.70 10.23
CA LYS B 18 17.67 20.06 10.32
C LYS B 18 17.72 20.74 8.96
N ALA B 19 18.33 20.05 7.99
CA ALA B 19 18.53 20.61 6.66
C ALA B 19 17.20 20.98 5.99
N LEU B 20 16.20 20.11 6.15
CA LEU B 20 14.92 20.32 5.51
C LEU B 20 14.15 21.43 6.19
N VAL B 21 14.25 21.50 7.51
CA VAL B 21 13.63 22.58 8.28
C VAL B 21 14.23 23.92 7.90
N LEU B 22 15.55 23.94 7.71
CA LEU B 22 16.23 25.17 7.29
C LEU B 22 15.73 25.62 5.93
N ILE B 23 15.62 24.67 5.01
CA ILE B 23 15.18 24.96 3.66
C ILE B 23 13.76 25.50 3.67
N ALA B 24 12.89 24.85 4.44
CA ALA B 24 11.49 25.26 4.56
C ALA B 24 11.36 26.71 5.00
N PHE B 25 11.97 27.02 6.13
CA PHE B 25 11.94 28.37 6.68
C PHE B 25 12.60 29.39 5.75
N ALA B 26 13.68 28.97 5.11
CA ALA B 26 14.39 29.84 4.17
C ALA B 26 13.51 30.18 2.97
N GLN B 27 12.60 29.27 2.63
CA GLN B 27 11.74 29.45 1.47
C GLN B 27 10.57 30.39 1.78
N TYR B 28 10.21 30.51 3.06
CA TYR B 28 9.15 31.43 3.47
C TYR B 28 9.74 32.79 3.88
N LEU B 29 10.61 32.77 4.88
CA LEU B 29 11.25 34.00 5.35
C LEU B 29 12.51 34.29 4.54
N GLN B 30 12.33 34.59 3.26
CA GLN B 30 13.45 34.75 2.33
C GLN B 30 14.23 36.05 2.51
N GLN B 31 13.82 36.88 3.47
CA GLN B 31 14.50 38.16 3.70
C GLN B 31 15.04 38.26 5.11
N CYS B 32 15.06 37.13 5.81
CA CYS B 32 15.61 37.08 7.15
C CYS B 32 17.06 36.59 7.12
N PRO B 33 17.92 37.16 7.98
CA PRO B 33 19.33 36.79 8.04
C PRO B 33 19.54 35.34 8.45
N PHE B 34 20.61 34.73 7.96
CA PHE B 34 20.92 33.32 8.23
C PHE B 34 20.81 32.93 9.71
N GLU B 35 21.43 33.71 10.58
CA GLU B 35 21.46 33.39 12.01
C GLU B 35 20.07 33.32 12.63
N ASP B 36 19.11 34.05 12.05
CA ASP B 36 17.72 33.97 12.48
C ASP B 36 17.18 32.56 12.27
N HIS B 37 17.28 32.09 11.03
CA HIS B 37 16.84 30.76 10.64
C HIS B 37 17.51 29.65 11.45
N VAL B 38 18.80 29.78 11.70
CA VAL B 38 19.53 28.80 12.50
C VAL B 38 18.90 28.67 13.87
N LYS B 39 18.51 29.80 14.46
CA LYS B 39 17.89 29.81 15.77
C LYS B 39 16.58 29.03 15.74
N LEU B 40 15.80 29.22 14.69
CA LEU B 40 14.54 28.49 14.52
C LEU B 40 14.79 26.99 14.43
N VAL B 41 15.67 26.59 13.51
CA VAL B 41 16.04 25.19 13.33
C VAL B 41 16.41 24.49 14.63
N ASN B 42 17.19 25.16 15.47
CA ASN B 42 17.63 24.61 16.73
C ASN B 42 16.47 24.52 17.74
N GLU B 43 15.57 25.49 17.66
CA GLU B 43 14.39 25.50 18.51
C GLU B 43 13.43 24.40 18.11
N VAL B 44 13.20 24.26 16.80
CA VAL B 44 12.34 23.22 16.28
C VAL B 44 12.95 21.84 16.52
N THR B 45 14.25 21.73 16.27
CA THR B 45 14.95 20.46 16.45
C THR B 45 14.88 19.99 17.90
N GLU B 46 15.20 20.89 18.83
CA GLU B 46 15.20 20.55 20.24
C GLU B 46 13.81 20.14 20.70
N PHE B 47 12.80 20.89 20.25
CA PHE B 47 11.42 20.53 20.53
C PHE B 47 11.10 19.14 20.00
N ALA B 48 11.57 18.85 18.78
CA ALA B 48 11.30 17.57 18.14
C ALA B 48 11.87 16.41 18.94
N LYS B 49 13.05 16.61 19.50
CA LYS B 49 13.69 15.59 20.31
C LYS B 49 12.90 15.36 21.60
N THR B 50 12.29 16.44 22.09
CA THR B 50 11.35 16.34 23.21
C THR B 50 10.23 15.37 22.87
N CYS B 51 9.72 15.48 21.65
CA CYS B 51 8.58 14.68 21.22
C CYS B 51 9.00 13.24 20.95
N VAL B 52 10.27 13.05 20.59
CA VAL B 52 10.80 11.72 20.33
C VAL B 52 10.93 10.93 21.64
N ALA B 53 11.33 11.62 22.69
CA ALA B 53 11.45 11.00 24.02
C ALA B 53 10.07 10.66 24.58
N ASP B 54 9.09 11.50 24.29
CA ASP B 54 7.73 11.33 24.83
C ASP B 54 6.71 11.99 23.92
N GLU B 55 5.99 11.17 23.15
CA GLU B 55 5.00 11.67 22.20
C GLU B 55 3.85 12.42 22.89
N SER B 56 3.70 12.20 24.19
CA SER B 56 2.63 12.82 24.96
C SER B 56 3.05 14.17 25.55
N ALA B 57 4.17 14.71 25.07
CA ALA B 57 4.66 16.00 25.55
C ALA B 57 3.66 17.11 25.25
N GLU B 58 3.88 18.26 25.85
CA GLU B 58 2.89 19.33 25.90
C GLU B 58 2.35 19.78 24.54
N ASN B 59 3.24 20.02 23.59
CA ASN B 59 2.82 20.47 22.26
C ASN B 59 3.06 19.45 21.17
N CYS B 60 3.53 18.27 21.56
CA CYS B 60 3.93 17.22 20.62
C CYS B 60 2.76 16.72 19.78
N ASP B 61 1.54 16.87 20.30
CA ASP B 61 0.36 16.37 19.62
C ASP B 61 -0.11 17.29 18.49
N LYS B 62 0.55 18.44 18.35
CA LYS B 62 0.12 19.42 17.35
C LYS B 62 0.51 19.06 15.93
N SER B 63 -0.17 19.68 14.97
CA SER B 63 0.08 19.48 13.55
C SER B 63 1.35 20.20 13.09
N LEU B 64 2.03 19.62 12.10
CA LEU B 64 3.24 20.22 11.54
C LEU B 64 2.95 21.58 10.92
N HIS B 65 1.79 21.68 10.29
CA HIS B 65 1.35 22.96 9.71
C HIS B 65 1.14 23.97 10.83
N THR B 66 0.56 23.51 11.93
CA THR B 66 0.33 24.35 13.10
C THR B 66 1.64 24.82 13.73
N LEU B 67 2.55 23.88 13.98
CA LEU B 67 3.84 24.20 14.58
C LEU B 67 4.64 25.15 13.69
N PHE B 68 4.67 24.86 12.40
CA PHE B 68 5.39 25.69 11.44
C PHE B 68 4.82 27.10 11.39
N GLY B 69 3.50 27.20 11.31
CA GLY B 69 2.83 28.48 11.23
C GLY B 69 3.01 29.29 12.50
N ASP B 70 2.99 28.63 13.65
CA ASP B 70 3.19 29.30 14.93
C ASP B 70 4.58 29.92 15.00
N LYS B 71 5.60 29.14 14.62
CA LYS B 71 6.97 29.63 14.62
C LYS B 71 7.12 30.85 13.72
N LEU B 72 6.52 30.77 12.53
CA LEU B 72 6.52 31.89 11.60
C LEU B 72 6.00 33.17 12.25
N CYS B 73 4.89 33.04 13.00
CA CYS B 73 4.26 34.17 13.64
C CYS B 73 4.97 34.69 14.88
N THR B 74 6.04 34.01 15.29
CA THR B 74 6.79 34.42 16.47
C THR B 74 7.98 35.27 16.06
N VAL B 75 8.16 35.42 14.75
CA VAL B 75 9.19 36.32 14.23
C VAL B 75 8.81 37.75 14.58
N ALA B 76 9.66 38.40 15.38
CA ALA B 76 9.36 39.73 15.90
C ALA B 76 9.25 40.78 14.80
N THR B 77 10.15 40.70 13.82
CA THR B 77 10.17 41.68 12.73
C THR B 77 9.30 41.24 11.56
N LEU B 78 8.35 40.35 11.83
CA LEU B 78 7.53 39.76 10.78
C LEU B 78 6.72 40.82 10.03
N ARG B 79 5.89 41.57 10.77
CA ARG B 79 5.08 42.63 10.19
C ARG B 79 5.92 43.69 9.47
N GLU B 80 6.98 44.15 10.13
CA GLU B 80 7.87 45.16 9.55
C GLU B 80 8.43 44.74 8.20
N THR B 81 8.92 43.51 8.10
CA THR B 81 9.63 43.04 6.92
C THR B 81 8.74 42.48 5.81
N TYR B 82 7.70 41.74 6.19
CA TYR B 82 6.89 41.03 5.19
C TYR B 82 5.47 41.58 5.03
N GLY B 83 5.16 42.63 5.77
CA GLY B 83 3.87 43.30 5.65
C GLY B 83 2.65 42.40 5.74
N GLU B 84 2.04 42.12 4.59
CA GLU B 84 0.79 41.35 4.51
C GLU B 84 0.89 39.96 5.15
N MET B 85 2.07 39.34 5.04
CA MET B 85 2.25 37.98 5.52
C MET B 85 1.92 37.84 7.00
N ALA B 86 2.10 38.93 7.75
CA ALA B 86 1.82 38.93 9.17
C ALA B 86 0.33 38.86 9.44
N ASP B 87 -0.48 39.26 8.46
CA ASP B 87 -1.94 39.22 8.59
C ASP B 87 -2.44 37.78 8.63
N CYS B 88 -1.70 36.89 7.98
CA CYS B 88 -2.01 35.47 7.97
C CYS B 88 -2.12 34.91 9.39
N CYS B 89 -1.25 35.40 10.28
CA CYS B 89 -1.21 34.93 11.66
C CYS B 89 -2.56 35.06 12.32
N ALA B 90 -3.27 36.11 11.93
CA ALA B 90 -4.60 36.39 12.46
C ALA B 90 -5.54 35.27 12.11
N LYS B 91 -5.34 34.72 10.93
CA LYS B 91 -6.15 33.65 10.41
C LYS B 91 -5.83 32.41 11.20
N GLN B 92 -6.67 31.41 11.06
CA GLN B 92 -6.48 30.20 11.80
C GLN B 92 -6.36 29.02 10.89
N GLU B 93 -5.71 27.99 11.36
CA GLU B 93 -5.51 26.82 10.56
C GLU B 93 -6.87 26.29 10.27
N PRO B 94 -7.11 25.77 9.08
CA PRO B 94 -6.09 25.57 8.04
C PRO B 94 -6.02 26.71 7.02
N GLU B 95 -6.78 27.77 7.27
CA GLU B 95 -6.78 28.92 6.38
C GLU B 95 -5.43 29.62 6.40
N ARG B 96 -4.81 29.66 7.58
CA ARG B 96 -3.51 30.29 7.75
C ARG B 96 -2.46 29.73 6.80
N ASN B 97 -2.30 28.41 6.79
CA ASN B 97 -1.30 27.77 5.93
C ASN B 97 -1.47 28.15 4.47
N GLU B 98 -2.70 28.19 3.99
CA GLU B 98 -2.98 28.62 2.63
C GLU B 98 -2.56 30.08 2.42
N CYS B 99 -2.82 30.90 3.43
CA CYS B 99 -2.47 32.32 3.38
C CYS B 99 -0.96 32.52 3.27
N PHE B 100 -0.20 31.74 4.03
CA PHE B 100 1.26 31.79 3.95
C PHE B 100 1.74 31.35 2.57
N LEU B 101 1.09 30.34 2.02
CA LEU B 101 1.39 29.87 0.67
C LEU B 101 1.16 30.96 -0.37
N GLN B 102 0.12 31.76 -0.16
CA GLN B 102 -0.24 32.82 -1.10
C GLN B 102 0.82 33.90 -1.13
N HIS B 103 1.36 34.23 0.04
CA HIS B 103 2.32 35.32 0.16
C HIS B 103 3.76 34.84 0.06
N LYS B 104 3.95 33.63 -0.49
CA LYS B 104 5.29 33.15 -0.81
C LYS B 104 5.78 33.88 -2.05
N ASP B 105 6.98 34.45 -1.97
CA ASP B 105 7.50 35.29 -3.05
C ASP B 105 8.42 34.50 -3.98
N ASP B 106 8.15 34.59 -5.27
CA ASP B 106 8.94 33.88 -6.26
C ASP B 106 9.96 34.81 -6.92
N ASN B 107 11.23 34.42 -6.84
CA ASN B 107 12.32 35.22 -7.38
C ASN B 107 12.28 36.67 -6.92
N PRO B 108 12.53 36.89 -5.62
CA PRO B 108 12.57 38.24 -5.06
C PRO B 108 13.81 38.99 -5.53
N ASN B 109 14.01 40.22 -5.06
CA ASN B 109 15.17 40.97 -5.47
C ASN B 109 16.36 40.67 -4.57
N LEU B 110 17.30 39.92 -5.10
CA LEU B 110 18.53 39.58 -4.40
C LEU B 110 19.68 39.61 -5.39
N PRO B 111 20.88 39.90 -4.91
CA PRO B 111 22.03 39.90 -5.84
C PRO B 111 22.45 38.48 -6.16
N ARG B 112 22.92 38.25 -7.39
CA ARG B 112 23.31 36.92 -7.82
C ARG B 112 24.44 36.40 -6.94
N LEU B 113 24.33 35.16 -6.49
CA LEU B 113 25.41 34.54 -5.74
C LEU B 113 26.64 34.43 -6.63
N VAL B 114 27.73 35.03 -6.18
CA VAL B 114 28.97 35.01 -6.95
C VAL B 114 29.94 33.97 -6.41
N ARG B 115 30.41 33.10 -7.31
CA ARG B 115 31.37 32.07 -6.96
C ARG B 115 32.68 32.69 -6.48
N PRO B 116 33.03 32.46 -5.20
CA PRO B 116 34.25 33.02 -4.63
C PRO B 116 35.49 32.27 -5.12
N GLU B 117 36.66 32.74 -4.73
CA GLU B 117 37.90 32.07 -5.09
C GLU B 117 37.93 30.66 -4.52
N VAL B 118 38.54 29.73 -5.25
CA VAL B 118 38.61 28.34 -4.83
C VAL B 118 39.33 28.22 -3.48
N ASP B 119 40.40 28.98 -3.31
CA ASP B 119 41.15 29.02 -2.06
C ASP B 119 40.26 29.47 -0.90
N VAL B 120 39.49 30.53 -1.13
CA VAL B 120 38.58 31.04 -0.11
C VAL B 120 37.52 30.01 0.28
N MET B 121 36.87 29.43 -0.73
CA MET B 121 35.87 28.39 -0.53
C MET B 121 36.39 27.20 0.27
N CYS B 122 37.43 26.55 -0.24
CA CYS B 122 38.02 25.39 0.42
C CYS B 122 38.48 25.72 1.84
N THR B 123 38.96 26.94 2.03
CA THR B 123 39.40 27.38 3.34
C THR B 123 38.23 27.48 4.32
N ALA B 124 37.11 28.00 3.83
CA ALA B 124 35.89 28.09 4.64
C ALA B 124 35.34 26.69 4.92
N PHE B 125 35.30 25.87 3.87
CA PHE B 125 34.83 24.50 3.98
C PHE B 125 35.62 23.70 5.01
N HIS B 126 36.91 23.99 5.13
CA HIS B 126 37.75 23.30 6.10
C HIS B 126 37.58 23.88 7.50
N ASP B 127 37.62 25.21 7.59
CA ASP B 127 37.56 25.89 8.88
C ASP B 127 36.22 25.67 9.59
N ASN B 128 35.13 25.86 8.85
CA ASN B 128 33.79 25.65 9.38
C ASN B 128 32.87 25.01 8.33
N GLU B 129 33.00 23.70 8.17
CA GLU B 129 32.31 22.97 7.12
C GLU B 129 30.80 23.07 7.22
N GLU B 130 30.26 23.10 8.44
CA GLU B 130 28.83 23.04 8.63
C GLU B 130 28.16 24.40 8.37
N THR B 131 28.73 25.47 8.92
CA THR B 131 28.16 26.80 8.73
C THR B 131 28.45 27.31 7.32
N PHE B 132 29.35 26.62 6.63
CA PHE B 132 29.68 26.98 5.25
C PHE B 132 28.65 26.43 4.28
N LEU B 133 28.34 25.14 4.42
CA LEU B 133 27.36 24.48 3.57
C LEU B 133 25.96 24.99 3.83
N LYS B 134 25.63 25.17 5.11
CA LYS B 134 24.28 25.55 5.51
C LYS B 134 23.97 27.00 5.11
N LYS B 135 24.99 27.84 5.14
CA LYS B 135 24.83 29.24 4.73
C LYS B 135 24.47 29.29 3.25
N TYR B 136 25.10 28.41 2.47
CA TYR B 136 24.85 28.36 1.04
C TYR B 136 23.53 27.66 0.74
N LEU B 137 23.16 26.69 1.57
CA LEU B 137 21.89 26.01 1.43
C LEU B 137 20.78 27.01 1.64
N TYR B 138 20.96 27.84 2.66
CA TYR B 138 20.08 28.97 2.96
C TYR B 138 20.01 29.95 1.79
N GLU B 139 21.15 30.25 1.19
CA GLU B 139 21.19 31.22 0.10
C GLU B 139 20.47 30.72 -1.14
N ILE B 140 20.65 29.44 -1.46
CA ILE B 140 19.96 28.85 -2.61
C ILE B 140 18.46 28.76 -2.35
N ALA B 141 18.10 28.30 -1.17
CA ALA B 141 16.70 28.08 -0.81
C ALA B 141 15.88 29.36 -0.87
N ARG B 142 16.40 30.42 -0.28
CA ARG B 142 15.70 31.70 -0.27
C ARG B 142 15.48 32.24 -1.68
N ARG B 143 16.35 31.88 -2.60
CA ARG B 143 16.26 32.39 -3.97
C ARG B 143 15.41 31.46 -4.84
N HIS B 144 15.17 30.25 -4.37
CA HIS B 144 14.38 29.27 -5.11
C HIS B 144 13.34 28.67 -4.17
N PRO B 145 12.35 29.48 -3.78
CA PRO B 145 11.42 29.16 -2.69
C PRO B 145 10.35 28.15 -3.09
N TYR B 146 10.25 27.85 -4.39
CA TYR B 146 9.27 26.89 -4.87
C TYR B 146 9.94 25.58 -5.26
N PHE B 147 11.26 25.52 -5.15
CA PHE B 147 11.98 24.31 -5.46
C PHE B 147 11.74 23.28 -4.37
N TYR B 148 11.47 22.04 -4.78
CA TYR B 148 11.17 20.97 -3.84
C TYR B 148 12.31 20.79 -2.84
N ALA B 149 12.00 20.90 -1.56
CA ALA B 149 13.01 20.90 -0.49
C ALA B 149 13.95 19.70 -0.54
N PRO B 150 13.39 18.48 -0.59
CA PRO B 150 14.22 17.27 -0.62
C PRO B 150 15.13 17.22 -1.84
N GLU B 151 14.74 17.90 -2.92
CA GLU B 151 15.52 17.92 -4.13
C GLU B 151 16.69 18.90 -3.98
N LEU B 152 16.41 20.00 -3.30
CA LEU B 152 17.42 20.99 -2.98
C LEU B 152 18.45 20.36 -2.03
N LEU B 153 17.94 19.52 -1.13
CA LEU B 153 18.80 18.77 -0.22
C LEU B 153 19.65 17.76 -0.97
N PHE B 154 19.11 17.26 -2.09
CA PHE B 154 19.80 16.27 -2.91
C PHE B 154 21.01 16.87 -3.61
N PHE B 155 20.89 18.14 -4.01
CA PHE B 155 21.99 18.86 -4.65
C PHE B 155 23.04 19.30 -3.62
N ALA B 156 22.55 19.70 -2.45
CA ALA B 156 23.44 20.11 -1.36
C ALA B 156 24.45 19.03 -1.03
N LYS B 157 23.95 17.82 -0.85
CA LYS B 157 24.79 16.67 -0.51
C LYS B 157 25.82 16.42 -1.59
N ARG B 158 25.44 16.71 -2.83
CA ARG B 158 26.33 16.55 -3.97
C ARG B 158 27.40 17.64 -3.98
N TYR B 159 27.02 18.86 -3.61
CA TYR B 159 27.97 19.94 -3.43
C TYR B 159 29.02 19.59 -2.38
N LYS B 160 28.54 19.10 -1.23
CA LYS B 160 29.42 18.70 -0.13
C LYS B 160 30.44 17.67 -0.59
N ALA B 161 30.01 16.75 -1.46
CA ALA B 161 30.91 15.72 -1.98
C ALA B 161 31.98 16.32 -2.87
N ALA B 162 31.58 17.27 -3.72
CA ALA B 162 32.51 17.93 -4.64
C ALA B 162 33.66 18.58 -3.90
N PHE B 163 33.34 19.32 -2.83
CA PHE B 163 34.36 19.97 -2.02
C PHE B 163 35.23 18.95 -1.30
N THR B 164 34.60 17.91 -0.77
CA THR B 164 35.31 16.83 -0.07
C THR B 164 36.43 16.25 -0.94
N GLU B 165 36.14 16.06 -2.22
CA GLU B 165 37.16 15.63 -3.17
C GLU B 165 38.24 16.68 -3.40
N CYS B 166 37.84 17.79 -4.02
CA CYS B 166 38.78 18.73 -4.62
C CYS B 166 39.63 19.52 -3.64
N CYS B 167 39.07 19.91 -2.50
CA CYS B 167 39.75 20.79 -1.56
C CYS B 167 41.01 20.18 -0.93
N GLN B 168 41.33 18.94 -1.29
CA GLN B 168 42.59 18.35 -0.88
C GLN B 168 43.28 17.67 -2.06
N ALA B 169 43.21 18.35 -3.20
CA ALA B 169 43.92 17.94 -4.41
C ALA B 169 44.69 19.13 -4.95
N ALA B 170 45.96 18.90 -5.30
CA ALA B 170 46.91 19.97 -5.60
C ALA B 170 46.35 21.01 -6.58
N ASP B 171 45.77 20.53 -7.68
CA ASP B 171 45.12 21.41 -8.64
C ASP B 171 43.61 21.48 -8.37
N LYS B 172 43.24 22.15 -7.28
CA LYS B 172 41.86 22.20 -6.81
C LYS B 172 40.89 22.74 -7.87
N ALA B 173 41.10 23.98 -8.30
CA ALA B 173 40.21 24.65 -9.25
C ALA B 173 39.94 23.81 -10.49
N ALA B 174 40.93 23.03 -10.92
CA ALA B 174 40.76 22.16 -12.09
C ALA B 174 39.78 21.03 -11.78
N CYS B 175 39.76 20.63 -10.51
CA CYS B 175 38.81 19.63 -10.04
C CYS B 175 37.44 20.23 -9.74
N LEU B 176 37.44 21.22 -8.85
CA LEU B 176 36.20 21.79 -8.31
C LEU B 176 35.35 22.51 -9.34
N LEU B 177 35.97 23.39 -10.12
CA LEU B 177 35.25 24.27 -11.04
C LEU B 177 34.38 23.53 -12.06
N PRO B 178 34.90 22.46 -12.65
CA PRO B 178 34.08 21.70 -13.61
C PRO B 178 32.96 20.90 -12.94
N LYS B 179 33.05 20.73 -11.62
CA LYS B 179 32.01 20.04 -10.86
C LYS B 179 30.91 21.01 -10.43
N LEU B 180 31.32 22.19 -9.98
CA LEU B 180 30.38 23.24 -9.60
C LEU B 180 29.54 23.67 -10.79
N ASP B 181 30.14 23.68 -11.97
CA ASP B 181 29.45 24.04 -13.19
C ASP B 181 28.38 23.01 -13.53
N GLU B 182 28.76 21.73 -13.48
CA GLU B 182 27.82 20.64 -13.68
C GLU B 182 26.62 20.77 -12.74
N LEU B 183 26.88 21.05 -11.47
CA LEU B 183 25.83 21.20 -10.47
C LEU B 183 24.93 22.38 -10.81
N ARG B 184 25.54 23.54 -11.07
CA ARG B 184 24.82 24.72 -11.50
C ARG B 184 23.84 24.42 -12.64
N ASP B 185 24.35 23.78 -13.70
CA ASP B 185 23.54 23.43 -14.85
C ASP B 185 22.40 22.51 -14.48
N GLU B 186 22.74 21.43 -13.78
CA GLU B 186 21.75 20.43 -13.37
C GLU B 186 20.68 21.02 -12.47
N GLY B 187 21.12 21.79 -11.48
CA GLY B 187 20.21 22.45 -10.55
C GLY B 187 19.19 23.30 -11.26
N LYS B 188 19.65 24.13 -12.19
CA LYS B 188 18.75 25.02 -12.92
C LYS B 188 17.92 24.26 -13.95
N ALA B 189 18.47 23.17 -14.47
CA ALA B 189 17.75 22.32 -15.41
C ALA B 189 16.64 21.57 -14.69
N SER B 190 16.97 21.06 -13.50
CA SER B 190 16.00 20.36 -12.67
C SER B 190 14.89 21.32 -12.25
N SER B 191 15.28 22.53 -11.87
CA SER B 191 14.33 23.56 -11.46
C SER B 191 13.41 23.96 -12.61
N ALA B 192 13.97 24.03 -13.82
CA ALA B 192 13.22 24.42 -15.00
C ALA B 192 12.14 23.40 -15.36
N LYS B 193 12.48 22.12 -15.30
CA LYS B 193 11.53 21.05 -15.59
C LYS B 193 10.32 21.16 -14.68
N GLN B 194 10.61 21.33 -13.39
CA GLN B 194 9.57 21.45 -12.37
C GLN B 194 8.54 22.53 -12.72
N ARG B 195 9.02 23.74 -13.00
CA ARG B 195 8.13 24.82 -13.39
C ARG B 195 7.39 24.53 -14.70
N LEU B 196 8.12 23.97 -15.66
CA LEU B 196 7.54 23.59 -16.94
C LEU B 196 6.47 22.52 -16.76
N LYS B 197 6.79 21.57 -15.89
CA LYS B 197 5.91 20.45 -15.56
C LYS B 197 4.57 20.94 -15.03
N CYS B 198 4.62 21.74 -13.95
CA CYS B 198 3.41 22.26 -13.32
C CYS B 198 2.65 23.23 -14.23
N ALA B 199 3.39 23.97 -15.05
CA ALA B 199 2.78 24.92 -15.96
C ALA B 199 1.91 24.20 -16.97
N SER B 200 2.40 23.06 -17.47
CA SER B 200 1.65 22.22 -18.39
C SER B 200 0.33 21.74 -17.78
N LEU B 201 0.41 21.20 -16.57
CA LEU B 201 -0.75 20.69 -15.86
C LEU B 201 -1.83 21.76 -15.73
N GLN B 202 -1.40 23.00 -15.55
CA GLN B 202 -2.31 24.14 -15.43
C GLN B 202 -2.74 24.65 -16.80
N LYS B 203 -1.78 24.74 -17.72
CA LYS B 203 -2.01 25.28 -19.05
C LYS B 203 -2.93 24.41 -19.92
N PHE B 204 -2.61 23.13 -20.02
CA PHE B 204 -3.30 22.25 -20.97
C PHE B 204 -4.30 21.30 -20.34
N GLY B 205 -4.29 21.18 -19.01
CA GLY B 205 -5.26 20.36 -18.33
C GLY B 205 -4.80 18.97 -17.93
N GLU B 206 -5.63 18.27 -17.16
CA GLU B 206 -5.31 16.95 -16.64
C GLU B 206 -5.18 15.88 -17.73
N ARG B 207 -6.02 15.96 -18.75
CA ARG B 207 -6.06 14.96 -19.81
C ARG B 207 -4.71 14.83 -20.50
N ALA B 208 -4.21 15.94 -21.03
CA ALA B 208 -2.93 15.97 -21.73
C ALA B 208 -1.79 15.49 -20.83
N PHE B 209 -1.87 15.83 -19.55
CA PHE B 209 -0.86 15.41 -18.58
C PHE B 209 -0.88 13.90 -18.40
N LYS B 210 -2.07 13.33 -18.36
CA LYS B 210 -2.21 11.89 -18.22
C LYS B 210 -1.67 11.17 -19.45
N ALA B 211 -1.86 11.78 -20.62
CA ALA B 211 -1.34 11.23 -21.87
C ALA B 211 0.19 11.20 -21.85
N TRP B 212 0.79 12.32 -21.44
CA TRP B 212 2.23 12.40 -21.26
C TRP B 212 2.72 11.34 -20.29
N ALA B 213 2.03 11.20 -19.17
CA ALA B 213 2.45 10.29 -18.11
C ALA B 213 2.35 8.84 -18.56
N VAL B 214 1.28 8.53 -19.28
CA VAL B 214 1.05 7.19 -19.78
C VAL B 214 2.18 6.74 -20.70
N ALA B 215 2.61 7.66 -21.56
CA ALA B 215 3.66 7.37 -22.52
C ALA B 215 4.97 7.00 -21.82
N ARG B 216 5.39 7.84 -20.89
CA ARG B 216 6.68 7.63 -20.22
C ARG B 216 6.65 6.46 -19.23
N LEU B 217 5.53 6.28 -18.53
CA LEU B 217 5.39 5.19 -17.58
C LEU B 217 5.42 3.84 -18.29
N SER B 218 4.83 3.79 -19.48
CA SER B 218 4.82 2.57 -20.28
C SER B 218 6.23 2.27 -20.79
N GLN B 219 6.93 3.33 -21.18
CA GLN B 219 8.32 3.24 -21.59
C GLN B 219 9.21 2.70 -20.48
N ARG B 220 9.08 3.27 -19.28
CA ARG B 220 9.87 2.84 -18.12
C ARG B 220 9.47 1.46 -17.61
N PHE B 221 8.17 1.17 -17.62
CA PHE B 221 7.65 -0.07 -17.07
C PHE B 221 6.91 -0.88 -18.13
N PRO B 222 7.65 -1.34 -19.15
CA PRO B 222 7.00 -2.02 -20.29
C PRO B 222 6.48 -3.42 -19.94
N LYS B 223 6.87 -3.95 -18.79
CA LYS B 223 6.38 -5.26 -18.36
C LYS B 223 5.10 -5.13 -17.55
N ALA B 224 4.76 -3.89 -17.22
CA ALA B 224 3.54 -3.62 -16.47
C ALA B 224 2.33 -3.71 -17.40
N GLU B 225 1.18 -4.09 -16.84
CA GLU B 225 -0.04 -4.18 -17.62
C GLU B 225 -0.82 -2.88 -17.52
N PHE B 226 -1.67 -2.61 -18.52
CA PHE B 226 -2.31 -1.31 -18.65
C PHE B 226 -3.06 -0.86 -17.40
N ALA B 227 -3.79 -1.78 -16.77
CA ALA B 227 -4.50 -1.47 -15.55
C ALA B 227 -3.57 -0.89 -14.49
N GLU B 228 -2.38 -1.49 -14.36
CA GLU B 228 -1.38 -1.00 -13.42
C GLU B 228 -0.88 0.38 -13.81
N VAL B 229 -0.57 0.55 -15.08
CA VAL B 229 -0.12 1.83 -15.61
C VAL B 229 -1.17 2.92 -15.38
N SER B 230 -2.44 2.55 -15.57
CA SER B 230 -3.54 3.49 -15.34
C SER B 230 -3.55 4.00 -13.91
N LYS B 231 -3.41 3.09 -12.95
CA LYS B 231 -3.44 3.47 -11.55
C LYS B 231 -2.28 4.41 -11.23
N LEU B 232 -1.11 4.08 -11.76
CA LEU B 232 0.08 4.90 -11.58
C LEU B 232 -0.13 6.29 -12.18
N VAL B 233 -0.63 6.34 -13.41
CA VAL B 233 -0.91 7.61 -14.07
C VAL B 233 -1.92 8.45 -13.30
N THR B 234 -2.93 7.78 -12.75
CA THR B 234 -3.98 8.45 -11.99
C THR B 234 -3.41 9.10 -10.74
N ASP B 235 -2.58 8.36 -10.01
CA ASP B 235 -2.02 8.85 -8.76
C ASP B 235 -0.85 9.80 -9.02
N LEU B 236 -0.21 9.66 -10.17
CA LEU B 236 0.85 10.59 -10.57
C LEU B 236 0.25 11.96 -10.83
N THR B 237 -0.98 11.97 -11.34
CA THR B 237 -1.70 13.21 -11.56
C THR B 237 -2.06 13.85 -10.23
N LYS B 238 -2.54 13.03 -9.30
CA LYS B 238 -2.86 13.48 -7.95
C LYS B 238 -1.63 14.11 -7.30
N VAL B 239 -0.48 13.44 -7.43
CA VAL B 239 0.78 13.94 -6.91
C VAL B 239 1.13 15.31 -7.50
N HIS B 240 1.24 15.37 -8.82
CA HIS B 240 1.64 16.60 -9.50
C HIS B 240 0.66 17.75 -9.26
N THR B 241 -0.62 17.43 -9.11
CA THR B 241 -1.63 18.43 -8.86
C THR B 241 -1.41 19.09 -7.49
N GLU B 242 -1.14 18.26 -6.48
CA GLU B 242 -0.88 18.75 -5.13
C GLU B 242 0.49 19.41 -5.01
N CYS B 243 1.51 18.78 -5.57
CA CYS B 243 2.87 19.30 -5.50
C CYS B 243 3.01 20.66 -6.18
N CYS B 244 2.34 20.83 -7.31
CA CYS B 244 2.37 22.10 -8.04
C CYS B 244 1.63 23.19 -7.26
N HIS B 245 0.82 22.78 -6.29
CA HIS B 245 0.11 23.73 -5.42
C HIS B 245 1.10 24.46 -4.51
N GLY B 246 2.09 23.74 -4.01
CA GLY B 246 3.18 24.35 -3.26
C GLY B 246 3.33 23.93 -1.80
N ASP B 247 2.40 23.13 -1.30
CA ASP B 247 2.48 22.69 0.10
C ASP B 247 3.49 21.55 0.25
N LEU B 248 4.59 21.84 0.92
CA LEU B 248 5.68 20.89 1.11
C LEU B 248 5.24 19.55 1.70
N LEU B 249 4.56 19.60 2.85
CA LEU B 249 4.19 18.39 3.58
C LEU B 249 3.18 17.54 2.81
N GLU B 250 2.14 18.20 2.29
CA GLU B 250 1.13 17.50 1.51
C GLU B 250 1.76 16.86 0.28
N CYS B 251 2.64 17.61 -0.38
CA CYS B 251 3.34 17.13 -1.56
C CYS B 251 4.23 15.95 -1.23
N ALA B 252 4.95 16.03 -0.12
CA ALA B 252 5.83 14.97 0.33
C ALA B 252 5.06 13.69 0.64
N ASP B 253 3.93 13.83 1.31
CA ASP B 253 3.12 12.69 1.72
C ASP B 253 2.57 11.92 0.51
N ASP B 254 2.11 12.66 -0.49
CA ASP B 254 1.61 12.04 -1.71
C ASP B 254 2.74 11.28 -2.43
N ARG B 255 3.90 11.91 -2.54
CA ARG B 255 5.07 11.29 -3.15
C ARG B 255 5.45 10.00 -2.44
N ALA B 256 5.63 10.09 -1.12
CA ALA B 256 5.95 8.93 -0.30
C ALA B 256 4.95 7.80 -0.50
N ASP B 257 3.67 8.16 -0.60
CA ASP B 257 2.62 7.17 -0.77
C ASP B 257 2.77 6.40 -2.07
N LEU B 258 2.98 7.13 -3.16
CA LEU B 258 3.14 6.53 -4.48
C LEU B 258 4.36 5.62 -4.52
N ALA B 259 5.49 6.10 -4.01
CA ALA B 259 6.71 5.32 -3.95
C ALA B 259 6.48 4.09 -3.07
N LYS B 260 5.69 4.27 -2.03
CA LYS B 260 5.33 3.20 -1.10
C LYS B 260 4.62 2.07 -1.85
N TYR B 261 3.62 2.45 -2.65
CA TYR B 261 2.86 1.48 -3.44
C TYR B 261 3.71 0.81 -4.51
N ILE B 262 4.51 1.60 -5.23
CA ILE B 262 5.34 1.07 -6.31
C ILE B 262 6.35 0.05 -5.80
N CYS B 263 6.94 0.31 -4.65
CA CYS B 263 7.94 -0.60 -4.08
C CYS B 263 7.30 -1.91 -3.62
N GLU B 264 6.03 -1.85 -3.23
CA GLU B 264 5.32 -3.03 -2.75
C GLU B 264 4.77 -3.88 -3.89
N ASN B 265 4.60 -3.27 -5.05
CA ASN B 265 4.15 -3.99 -6.25
C ASN B 265 5.23 -3.98 -7.31
N GLN B 266 6.48 -4.06 -6.84
CA GLN B 266 7.67 -4.15 -7.68
C GLN B 266 7.56 -5.20 -8.79
N ASP B 267 7.23 -6.43 -8.39
CA ASP B 267 7.10 -7.54 -9.33
C ASP B 267 6.09 -7.25 -10.43
N SER B 268 5.06 -6.47 -10.08
CA SER B 268 4.00 -6.12 -11.02
C SER B 268 4.29 -4.85 -11.79
N ILE B 269 5.42 -4.20 -11.53
CA ILE B 269 5.75 -2.94 -12.18
C ILE B 269 7.06 -2.97 -12.97
N SER B 270 8.16 -3.33 -12.31
CA SER B 270 9.47 -3.31 -12.97
C SER B 270 10.54 -4.05 -12.16
N SER B 271 11.48 -4.67 -12.86
CA SER B 271 12.53 -5.46 -12.22
C SER B 271 13.73 -4.61 -11.79
N LYS B 272 13.86 -3.43 -12.38
CA LYS B 272 15.01 -2.57 -12.11
C LYS B 272 14.68 -1.54 -11.04
N LEU B 273 13.97 -1.97 -10.00
CA LEU B 273 13.45 -1.08 -8.98
C LEU B 273 13.96 -1.45 -7.60
N LYS B 274 14.73 -2.53 -7.52
CA LYS B 274 15.17 -3.08 -6.25
C LYS B 274 16.04 -2.13 -5.43
N GLU B 275 17.01 -1.47 -6.06
CA GLU B 275 17.92 -0.60 -5.33
C GLU B 275 17.21 0.68 -4.88
N CYS B 276 16.30 1.17 -5.71
CA CYS B 276 15.54 2.38 -5.40
C CYS B 276 14.69 2.18 -4.15
N CYS B 277 14.00 1.05 -4.09
CA CYS B 277 13.07 0.74 -3.01
C CYS B 277 13.81 0.39 -1.72
N GLU B 278 15.09 0.03 -1.85
CA GLU B 278 15.94 -0.23 -0.69
C GLU B 278 16.37 1.05 0.01
N LYS B 279 16.52 2.12 -0.76
CA LYS B 279 16.94 3.41 -0.22
C LYS B 279 15.92 3.97 0.79
N PRO B 280 16.36 4.93 1.62
CA PRO B 280 15.54 5.53 2.68
C PRO B 280 14.37 6.33 2.13
N LEU B 281 13.36 6.56 2.96
CA LEU B 281 12.16 7.31 2.58
C LEU B 281 12.46 8.57 1.77
N LEU B 282 13.41 9.36 2.27
CA LEU B 282 13.74 10.64 1.67
C LEU B 282 14.17 10.51 0.21
N GLU B 283 14.80 9.39 -0.12
CA GLU B 283 15.37 9.19 -1.45
C GLU B 283 14.50 8.30 -2.33
N LYS B 284 13.52 7.64 -1.73
CA LYS B 284 12.63 6.73 -2.45
C LYS B 284 11.97 7.37 -3.66
N SER B 285 11.21 8.45 -3.42
CA SER B 285 10.49 9.14 -4.48
C SER B 285 11.44 9.66 -5.56
N HIS B 286 12.55 10.26 -5.15
CA HIS B 286 13.59 10.71 -6.07
C HIS B 286 14.07 9.62 -7.02
N CYS B 287 14.49 8.49 -6.45
CA CYS B 287 15.07 7.38 -7.22
C CYS B 287 14.12 6.82 -8.27
N ILE B 288 12.90 6.49 -7.86
CA ILE B 288 11.91 5.93 -8.76
C ILE B 288 11.64 6.84 -9.95
N ALA B 289 11.69 8.15 -9.72
CA ALA B 289 11.31 9.14 -10.73
C ALA B 289 12.28 9.17 -11.91
N GLU B 290 13.50 8.68 -11.71
CA GLU B 290 14.47 8.57 -12.80
C GLU B 290 15.14 7.21 -12.82
N VAL B 291 14.35 6.17 -12.58
CA VAL B 291 14.83 4.79 -12.65
C VAL B 291 15.07 4.37 -14.10
N GLU B 292 15.91 3.37 -14.29
CA GLU B 292 16.22 2.88 -15.63
C GLU B 292 14.99 2.25 -16.27
N ASN B 293 14.86 2.42 -17.58
CA ASN B 293 13.83 1.72 -18.34
C ASN B 293 14.00 0.22 -18.19
N ASP B 294 12.91 -0.48 -17.89
CA ASP B 294 12.94 -1.93 -17.84
C ASP B 294 13.02 -2.48 -19.25
N GLU B 295 13.52 -3.69 -19.40
CA GLU B 295 13.61 -4.32 -20.70
C GLU B 295 12.27 -4.95 -21.05
N MET B 296 11.80 -4.72 -22.27
CA MET B 296 10.46 -5.14 -22.67
C MET B 296 10.40 -6.62 -23.00
N PRO B 297 9.22 -7.23 -22.78
CA PRO B 297 8.95 -8.62 -23.13
C PRO B 297 9.38 -8.96 -24.56
N ALA B 298 10.03 -10.10 -24.75
CA ALA B 298 10.48 -10.52 -26.06
C ALA B 298 9.29 -10.78 -26.98
N ASP B 299 8.32 -11.55 -26.49
CA ASP B 299 7.15 -11.90 -27.26
C ASP B 299 6.11 -10.78 -27.25
N LEU B 300 6.31 -9.78 -28.11
CA LEU B 300 5.35 -8.69 -28.25
C LEU B 300 4.87 -8.56 -29.69
N PRO B 301 3.56 -8.70 -29.91
CA PRO B 301 2.92 -8.60 -31.22
C PRO B 301 2.93 -7.18 -31.75
N SER B 302 2.30 -6.96 -32.91
CA SER B 302 2.12 -5.61 -33.42
C SER B 302 0.76 -5.07 -33.01
N LEU B 303 0.61 -3.76 -33.02
CA LEU B 303 -0.63 -3.12 -32.59
C LEU B 303 -1.77 -3.36 -33.57
N ALA B 304 -1.43 -3.67 -34.81
CA ALA B 304 -2.40 -3.81 -35.90
C ALA B 304 -3.57 -4.74 -35.58
N ALA B 305 -3.31 -5.77 -34.77
CA ALA B 305 -4.34 -6.74 -34.42
C ALA B 305 -5.49 -6.09 -33.65
N ASP B 306 -5.17 -5.40 -32.58
CA ASP B 306 -6.18 -4.82 -31.70
C ASP B 306 -6.59 -3.40 -32.09
N PHE B 307 -5.79 -2.76 -32.94
CA PHE B 307 -6.02 -1.35 -33.26
C PHE B 307 -6.29 -1.06 -34.74
N VAL B 308 -6.21 -2.09 -35.59
CA VAL B 308 -6.43 -1.88 -37.02
C VAL B 308 -7.29 -2.96 -37.67
N GLU B 309 -6.86 -4.21 -37.58
CA GLU B 309 -7.50 -5.30 -38.29
C GLU B 309 -8.72 -5.83 -37.54
N SER B 310 -8.72 -5.65 -36.23
CA SER B 310 -9.82 -6.12 -35.39
C SER B 310 -11.16 -5.50 -35.78
N LYS B 311 -12.23 -6.24 -35.50
CA LYS B 311 -13.56 -5.69 -35.51
C LYS B 311 -13.76 -5.08 -34.14
N ASP B 312 -14.93 -4.50 -33.87
CA ASP B 312 -15.20 -3.95 -32.55
C ASP B 312 -14.28 -2.79 -32.22
N VAL B 313 -13.70 -2.16 -33.24
CA VAL B 313 -12.69 -1.14 -33.03
C VAL B 313 -13.33 0.21 -32.72
N CYS B 314 -14.33 0.59 -33.52
CA CYS B 314 -15.09 1.80 -33.24
C CYS B 314 -15.91 1.61 -31.97
N LYS B 315 -16.41 0.39 -31.78
CA LYS B 315 -17.22 0.06 -30.61
C LYS B 315 -16.42 0.15 -29.32
N ASN B 316 -15.19 -0.36 -29.34
CA ASN B 316 -14.32 -0.29 -28.17
C ASN B 316 -13.87 1.14 -27.90
N TYR B 317 -13.65 1.90 -28.97
CA TYR B 317 -13.20 3.28 -28.86
C TYR B 317 -14.33 4.19 -28.37
N ALA B 318 -15.51 4.04 -28.99
CA ALA B 318 -16.67 4.85 -28.62
C ALA B 318 -17.12 4.55 -27.20
N GLU B 319 -16.77 3.36 -26.71
CA GLU B 319 -17.19 2.92 -25.39
C GLU B 319 -16.43 3.65 -24.29
N ALA B 320 -15.19 4.04 -24.60
CA ALA B 320 -14.35 4.78 -23.68
C ALA B 320 -13.14 5.32 -24.45
N LYS B 321 -13.32 6.49 -25.05
CA LYS B 321 -12.35 7.01 -26.01
C LYS B 321 -10.97 7.24 -25.42
N ASP B 322 -10.89 7.89 -24.27
CA ASP B 322 -9.60 8.19 -23.67
C ASP B 322 -8.91 6.93 -23.16
N VAL B 323 -9.69 5.98 -22.66
CA VAL B 323 -9.15 4.71 -22.22
C VAL B 323 -8.55 3.94 -23.40
N PHE B 324 -9.30 3.84 -24.49
CA PHE B 324 -8.83 3.13 -25.67
C PHE B 324 -7.58 3.76 -26.26
N LEU B 325 -7.60 5.09 -26.35
CA LEU B 325 -6.45 5.85 -26.84
C LEU B 325 -5.24 5.63 -25.93
N GLY B 326 -5.48 5.60 -24.63
CA GLY B 326 -4.42 5.35 -23.67
C GLY B 326 -3.82 3.97 -23.83
N MET B 327 -4.63 3.02 -24.29
CA MET B 327 -4.15 1.66 -24.53
C MET B 327 -3.23 1.64 -25.74
N PHE B 328 -3.67 2.28 -26.81
CA PHE B 328 -2.85 2.46 -28.01
C PHE B 328 -1.51 3.09 -27.66
N LEU B 329 -1.58 4.13 -26.82
CA LEU B 329 -0.39 4.87 -26.44
C LEU B 329 0.53 4.01 -25.58
N TYR B 330 -0.08 3.29 -24.63
CA TYR B 330 0.65 2.34 -23.78
C TYR B 330 1.32 1.26 -24.63
N GLU B 331 0.53 0.64 -25.50
CA GLU B 331 1.04 -0.44 -26.35
C GLU B 331 2.19 0.06 -27.23
N TYR B 332 2.05 1.26 -27.77
CA TYR B 332 3.03 1.80 -28.69
C TYR B 332 4.30 2.22 -27.97
N ALA B 333 4.13 2.92 -26.84
CA ALA B 333 5.26 3.45 -26.09
C ALA B 333 6.17 2.34 -25.57
N ARG B 334 5.58 1.30 -25.00
CA ARG B 334 6.34 0.20 -24.41
C ARG B 334 7.19 -0.52 -25.45
N ARG B 335 6.80 -0.39 -26.72
CA ARG B 335 7.56 -1.00 -27.81
C ARG B 335 8.66 -0.06 -28.28
N HIS B 336 8.55 1.22 -27.91
CA HIS B 336 9.50 2.22 -28.40
C HIS B 336 10.03 3.12 -27.29
N PRO B 337 11.02 2.63 -26.53
CA PRO B 337 11.71 3.50 -25.57
C PRO B 337 12.69 4.41 -26.32
N ASP B 338 12.89 4.13 -27.60
CA ASP B 338 13.77 4.91 -28.45
C ASP B 338 13.09 6.17 -28.97
N TYR B 339 11.81 6.31 -28.63
CA TYR B 339 11.05 7.47 -29.07
C TYR B 339 10.98 8.53 -27.97
N SER B 340 10.77 9.78 -28.39
CA SER B 340 10.46 10.84 -27.45
C SER B 340 9.00 10.71 -27.06
N VAL B 341 8.65 11.18 -25.86
CA VAL B 341 7.27 11.12 -25.40
C VAL B 341 6.36 11.89 -26.33
N VAL B 342 6.83 13.07 -26.78
CA VAL B 342 6.03 13.92 -27.66
C VAL B 342 5.79 13.27 -29.02
N LEU B 343 6.70 12.42 -29.45
CA LEU B 343 6.53 11.71 -30.71
C LEU B 343 5.38 10.72 -30.59
N LEU B 344 5.39 9.96 -29.50
CA LEU B 344 4.31 9.02 -29.21
C LEU B 344 2.99 9.74 -29.09
N LEU B 345 3.02 10.98 -28.62
CA LEU B 345 1.84 11.79 -28.47
C LEU B 345 1.30 12.25 -29.83
N ARG B 346 2.20 12.59 -30.75
CA ARG B 346 1.81 12.96 -32.10
C ARG B 346 1.15 11.77 -32.80
N LEU B 347 1.65 10.58 -32.53
CA LEU B 347 1.12 9.36 -33.12
C LEU B 347 -0.28 9.06 -32.58
N ALA B 348 -0.41 9.08 -31.25
CA ALA B 348 -1.69 8.86 -30.60
C ALA B 348 -2.72 9.89 -31.06
N LYS B 349 -2.29 11.14 -31.19
CA LYS B 349 -3.14 12.20 -31.68
C LYS B 349 -3.58 11.96 -33.13
N THR B 350 -2.66 11.47 -33.95
CA THR B 350 -2.97 11.15 -35.34
C THR B 350 -3.96 9.99 -35.42
N TYR B 351 -3.74 9.00 -34.55
CA TYR B 351 -4.65 7.86 -34.45
C TYR B 351 -6.05 8.33 -34.07
N GLU B 352 -6.10 9.21 -33.07
CA GLU B 352 -7.36 9.80 -32.62
C GLU B 352 -8.12 10.49 -33.74
N THR B 353 -7.42 11.35 -34.48
CA THR B 353 -8.03 12.13 -35.56
C THR B 353 -8.71 11.24 -36.59
N THR B 354 -8.04 10.15 -36.97
CA THR B 354 -8.54 9.26 -38.01
C THR B 354 -9.77 8.49 -37.55
N LEU B 355 -9.75 8.02 -36.30
CA LEU B 355 -10.90 7.29 -35.76
C LEU B 355 -12.12 8.21 -35.71
N GLU B 356 -11.90 9.46 -35.28
CA GLU B 356 -12.97 10.45 -35.27
C GLU B 356 -13.51 10.69 -36.68
N LYS B 357 -12.63 10.55 -37.67
CA LYS B 357 -13.01 10.73 -39.07
C LYS B 357 -13.68 9.49 -39.64
N CYS B 358 -13.03 8.35 -39.47
CA CYS B 358 -13.43 7.14 -40.19
C CYS B 358 -14.55 6.36 -39.51
N CYS B 359 -14.65 6.47 -38.20
CA CYS B 359 -15.72 5.80 -37.46
C CYS B 359 -17.08 6.40 -37.80
N ALA B 360 -17.06 7.58 -38.41
CA ALA B 360 -18.28 8.24 -38.84
C ALA B 360 -18.58 7.93 -40.31
N ALA B 361 -17.65 7.23 -40.94
CA ALA B 361 -17.82 6.81 -42.34
C ALA B 361 -18.68 5.56 -42.45
N ALA B 362 -19.13 5.26 -43.66
CA ALA B 362 -19.92 4.07 -43.94
C ALA B 362 -19.11 2.81 -43.66
N ASP B 363 -17.82 2.85 -43.98
CA ASP B 363 -16.93 1.74 -43.68
C ASP B 363 -15.60 2.22 -43.07
N PRO B 364 -15.50 2.16 -41.74
CA PRO B 364 -14.31 2.52 -40.96
C PRO B 364 -13.07 1.69 -41.27
N HIS B 365 -13.26 0.44 -41.69
CA HIS B 365 -12.15 -0.51 -41.79
C HIS B 365 -10.99 -0.08 -42.70
N GLU B 366 -11.29 0.63 -43.78
CA GLU B 366 -10.24 1.05 -44.72
C GLU B 366 -9.29 2.11 -44.17
N CYS B 367 -9.85 3.19 -43.59
CA CYS B 367 -9.03 4.31 -43.12
C CYS B 367 -8.01 3.89 -42.06
N TYR B 368 -8.20 2.69 -41.51
CA TYR B 368 -7.25 2.16 -40.52
C TYR B 368 -5.90 1.90 -41.16
N ALA B 369 -5.92 1.36 -42.38
CA ALA B 369 -4.69 1.08 -43.10
C ALA B 369 -3.93 2.38 -43.34
N LYS B 370 -4.66 3.42 -43.73
CA LYS B 370 -4.11 4.77 -43.87
C LYS B 370 -3.33 5.19 -42.63
N VAL B 371 -3.87 4.81 -41.46
CA VAL B 371 -3.39 5.31 -40.18
C VAL B 371 -1.89 5.10 -39.94
N PHE B 372 -1.45 3.86 -39.99
CA PHE B 372 -0.05 3.53 -39.68
C PHE B 372 0.92 4.09 -40.71
N ASP B 373 0.44 4.23 -41.95
CA ASP B 373 1.23 4.88 -42.99
C ASP B 373 1.55 6.31 -42.59
N GLU B 374 0.56 6.98 -41.99
CA GLU B 374 0.71 8.36 -41.52
C GLU B 374 1.74 8.47 -40.40
N PHE B 375 1.88 7.41 -39.63
CA PHE B 375 2.84 7.38 -38.51
C PHE B 375 4.27 7.59 -38.96
N LYS B 376 4.67 6.91 -40.03
CA LYS B 376 6.06 6.83 -40.45
C LYS B 376 6.71 8.19 -40.79
N PRO B 377 6.00 9.04 -41.57
CA PRO B 377 6.55 10.37 -41.85
C PRO B 377 6.73 11.20 -40.59
N LEU B 378 5.78 11.09 -39.66
CA LEU B 378 5.88 11.79 -38.38
C LEU B 378 7.05 11.29 -37.55
N VAL B 379 7.30 9.98 -37.62
CA VAL B 379 8.39 9.35 -36.89
C VAL B 379 9.77 9.74 -37.39
N GLU B 380 9.94 9.73 -38.71
CA GLU B 380 11.25 10.00 -39.32
C GLU B 380 11.69 11.47 -39.22
N GLU B 381 10.74 12.37 -39.01
CA GLU B 381 11.04 13.80 -38.95
C GLU B 381 12.12 14.11 -37.91
N PRO B 382 11.91 13.70 -36.65
CA PRO B 382 12.93 13.95 -35.63
C PRO B 382 14.17 13.07 -35.80
N GLN B 383 13.97 11.88 -36.34
CA GLN B 383 15.07 10.94 -36.57
C GLN B 383 16.10 11.52 -37.53
N ASN B 384 15.62 12.05 -38.66
CA ASN B 384 16.48 12.72 -39.63
C ASN B 384 17.26 13.88 -39.01
N LEU B 385 16.55 14.77 -38.33
CA LEU B 385 17.15 15.91 -37.66
C LEU B 385 18.33 15.54 -36.77
N ILE B 386 18.20 14.43 -36.05
CA ILE B 386 19.24 13.99 -35.12
C ILE B 386 20.47 13.49 -35.87
N LYS B 387 20.24 12.64 -36.87
CA LYS B 387 21.32 12.14 -37.73
C LYS B 387 22.15 13.27 -38.31
N GLN B 388 21.51 14.16 -39.04
CA GLN B 388 22.18 15.28 -39.70
C GLN B 388 22.96 16.16 -38.72
N ASN B 389 22.30 16.57 -37.64
CA ASN B 389 22.92 17.50 -36.70
C ASN B 389 24.08 16.87 -35.94
N CYS B 390 23.97 15.57 -35.65
CA CYS B 390 25.04 14.86 -34.97
C CYS B 390 26.20 14.58 -35.92
N GLU B 391 25.88 14.39 -37.20
CA GLU B 391 26.92 14.30 -38.22
C GLU B 391 27.64 15.64 -38.31
N LEU B 392 26.86 16.71 -38.36
CA LEU B 392 27.38 18.07 -38.38
C LEU B 392 28.26 18.33 -37.16
N PHE B 393 27.80 17.84 -36.01
CA PHE B 393 28.54 17.98 -34.76
C PHE B 393 29.82 17.15 -34.77
N GLU B 394 29.83 16.08 -35.57
CA GLU B 394 31.01 15.23 -35.69
C GLU B 394 32.13 15.91 -36.49
N GLN B 395 31.75 16.47 -37.64
CA GLN B 395 32.70 17.09 -38.56
C GLN B 395 33.31 18.36 -37.97
N LEU B 396 32.46 19.17 -37.36
CA LEU B 396 32.90 20.42 -36.75
C LEU B 396 33.02 20.23 -35.24
N GLY B 397 33.83 21.04 -34.57
CA GLY B 397 33.95 20.94 -33.13
C GLY B 397 32.65 21.38 -32.48
N GLU B 398 32.56 21.24 -31.16
CA GLU B 398 31.41 21.75 -30.43
C GLU B 398 31.29 23.25 -30.65
N TYR B 399 32.44 23.92 -30.63
CA TYR B 399 32.50 25.37 -30.82
C TYR B 399 32.06 25.77 -32.23
N LYS B 400 32.64 25.12 -33.23
CA LYS B 400 32.29 25.42 -34.62
C LYS B 400 30.85 24.99 -34.92
N PHE B 401 30.36 24.01 -34.17
CA PHE B 401 28.99 23.56 -34.31
C PHE B 401 28.03 24.60 -33.74
N GLN B 402 28.45 25.24 -32.66
CA GLN B 402 27.66 26.30 -32.04
C GLN B 402 27.54 27.49 -32.98
N ASN B 403 28.61 27.80 -33.69
CA ASN B 403 28.61 28.87 -34.67
C ASN B 403 27.72 28.56 -35.88
N ALA B 404 27.67 27.28 -36.25
CA ALA B 404 26.79 26.84 -37.32
C ALA B 404 25.34 27.14 -36.98
N LEU B 405 24.92 26.74 -35.78
CA LEU B 405 23.57 27.04 -35.30
C LEU B 405 23.37 28.55 -35.19
N LEU B 406 24.38 29.24 -34.67
CA LEU B 406 24.37 30.68 -34.51
C LEU B 406 23.90 31.40 -35.78
N VAL B 407 24.61 31.17 -36.88
CA VAL B 407 24.25 31.73 -38.18
C VAL B 407 22.84 31.32 -38.60
N ARG B 408 22.47 30.08 -38.34
CA ARG B 408 21.18 29.54 -38.76
C ARG B 408 20.01 30.24 -38.06
N TYR B 409 20.12 30.39 -36.75
CA TYR B 409 19.04 30.96 -35.95
C TYR B 409 19.02 32.49 -35.99
N THR B 410 20.19 33.09 -36.23
CA THR B 410 20.27 34.52 -36.41
C THR B 410 19.56 34.94 -37.69
N LYS B 411 19.64 34.08 -38.70
CA LYS B 411 19.00 34.35 -39.99
C LYS B 411 17.51 34.02 -39.95
N LYS B 412 17.12 33.19 -38.98
CA LYS B 412 15.72 32.81 -38.83
C LYS B 412 14.96 33.83 -38.00
N VAL B 413 15.61 34.34 -36.95
CA VAL B 413 14.98 35.30 -36.05
C VAL B 413 16.00 36.37 -35.64
N PRO B 414 16.33 37.27 -36.57
CA PRO B 414 17.37 38.29 -36.38
C PRO B 414 16.96 39.38 -35.40
N GLN B 415 15.67 39.48 -35.10
CA GLN B 415 15.18 40.51 -34.19
C GLN B 415 15.58 40.20 -32.75
N VAL B 416 15.90 38.93 -32.50
CA VAL B 416 16.30 38.50 -31.17
C VAL B 416 17.58 39.20 -30.72
N SER B 417 17.65 39.51 -29.43
CA SER B 417 18.85 40.11 -28.85
C SER B 417 20.07 39.23 -29.10
N THR B 418 21.23 39.86 -29.22
CA THR B 418 22.47 39.14 -29.50
C THR B 418 22.85 38.19 -28.36
N PRO B 419 22.77 38.67 -27.10
CA PRO B 419 23.12 37.80 -25.96
C PRO B 419 22.25 36.55 -25.90
N THR B 420 20.98 36.68 -26.25
CA THR B 420 20.06 35.55 -26.24
C THR B 420 20.43 34.51 -27.30
N LEU B 421 20.72 34.98 -28.51
CA LEU B 421 21.11 34.09 -29.62
C LEU B 421 22.39 33.34 -29.29
N VAL B 422 23.35 34.04 -28.69
CA VAL B 422 24.61 33.43 -28.30
C VAL B 422 24.41 32.35 -27.25
N GLU B 423 23.54 32.60 -26.29
CA GLU B 423 23.28 31.66 -25.21
C GLU B 423 22.61 30.37 -25.69
N VAL B 424 21.49 30.51 -26.40
CA VAL B 424 20.77 29.34 -26.91
C VAL B 424 21.64 28.51 -27.86
N SER B 425 22.48 29.18 -28.64
CA SER B 425 23.33 28.49 -29.61
C SER B 425 24.43 27.69 -28.92
N ARG B 426 25.02 28.25 -27.88
CA ARG B 426 26.01 27.54 -27.09
C ARG B 426 25.39 26.35 -26.36
N ASN B 427 24.15 26.53 -25.90
CA ASN B 427 23.46 25.49 -25.15
C ASN B 427 22.99 24.35 -26.05
N LEU B 428 22.52 24.69 -27.25
CA LEU B 428 22.13 23.67 -28.21
C LEU B 428 23.36 22.88 -28.62
N GLY B 429 24.49 23.58 -28.72
CA GLY B 429 25.77 22.96 -28.93
C GLY B 429 26.06 21.91 -27.87
N LYS B 430 25.90 22.31 -26.62
CA LYS B 430 26.15 21.42 -25.48
C LYS B 430 25.25 20.19 -25.56
N VAL B 431 24.00 20.39 -25.97
CA VAL B 431 23.05 19.30 -26.17
C VAL B 431 23.61 18.30 -27.19
N GLY B 432 24.16 18.84 -28.27
CA GLY B 432 24.83 18.04 -29.28
C GLY B 432 25.95 17.17 -28.69
N SER B 433 26.76 17.79 -27.84
CA SER B 433 27.86 17.08 -27.19
C SER B 433 27.37 15.92 -26.32
N LYS B 434 26.24 16.13 -25.65
CA LYS B 434 25.77 15.18 -24.66
C LYS B 434 24.93 14.04 -25.24
N CYS B 435 24.16 14.35 -26.28
CA CYS B 435 23.21 13.39 -26.83
C CYS B 435 23.75 12.63 -28.03
N CYS B 436 24.54 13.31 -28.85
CA CYS B 436 25.13 12.68 -30.04
C CYS B 436 26.16 11.61 -29.69
N LYS B 437 26.57 11.55 -28.43
CA LYS B 437 27.46 10.50 -27.98
C LYS B 437 26.68 9.23 -27.64
N HIS B 438 25.35 9.36 -27.59
CA HIS B 438 24.47 8.21 -27.45
C HIS B 438 24.20 7.58 -28.82
N PRO B 439 23.90 6.28 -28.83
CA PRO B 439 23.45 5.65 -30.09
C PRO B 439 22.02 6.07 -30.41
N GLU B 440 21.59 5.82 -31.64
CA GLU B 440 20.25 6.24 -32.09
C GLU B 440 19.15 5.71 -31.18
N ALA B 441 19.33 4.48 -30.69
CA ALA B 441 18.36 3.84 -29.80
C ALA B 441 17.95 4.72 -28.62
N LYS B 442 18.84 5.62 -28.20
CA LYS B 442 18.62 6.44 -27.02
C LYS B 442 18.74 7.94 -27.26
N ARG B 443 18.89 8.33 -28.54
CA ARG B 443 19.19 9.72 -28.87
C ARG B 443 18.00 10.67 -28.77
N MET B 444 16.82 10.22 -29.20
CA MET B 444 15.67 11.11 -29.29
C MET B 444 15.10 11.53 -27.93
N PRO B 445 14.96 10.59 -26.99
CA PRO B 445 14.54 10.96 -25.64
C PRO B 445 15.53 11.93 -24.99
N CYS B 446 16.81 11.68 -25.21
CA CYS B 446 17.87 12.55 -24.72
C CYS B 446 17.70 13.99 -25.19
N ALA B 447 17.53 14.15 -26.50
CA ALA B 447 17.34 15.47 -27.10
C ALA B 447 16.09 16.15 -26.57
N GLU B 448 15.00 15.39 -26.48
CA GLU B 448 13.73 15.91 -25.97
C GLU B 448 13.88 16.46 -24.56
N ASP B 449 14.67 15.78 -23.75
CA ASP B 449 14.87 16.14 -22.36
C ASP B 449 15.52 17.52 -22.22
N TYR B 450 16.54 17.77 -23.05
CA TYR B 450 17.30 19.01 -22.96
C TYR B 450 16.63 20.14 -23.76
N LEU B 451 16.18 19.83 -24.95
CA LEU B 451 15.50 20.82 -25.79
C LEU B 451 14.26 21.36 -25.11
N SER B 452 13.59 20.51 -24.33
CA SER B 452 12.39 20.91 -23.60
C SER B 452 12.64 22.10 -22.68
N VAL B 453 13.74 22.07 -21.94
CA VAL B 453 14.07 23.15 -21.02
C VAL B 453 14.63 24.35 -21.78
N VAL B 454 15.53 24.08 -22.72
CA VAL B 454 16.12 25.13 -23.55
C VAL B 454 15.05 25.88 -24.35
N LEU B 455 14.04 25.15 -24.81
CA LEU B 455 12.99 25.74 -25.63
C LEU B 455 11.96 26.49 -24.79
N ASN B 456 11.78 26.08 -23.55
CA ASN B 456 10.83 26.74 -22.67
C ASN B 456 11.51 27.88 -21.91
N GLN B 457 12.79 27.68 -21.62
CA GLN B 457 13.66 28.76 -21.15
C GLN B 457 13.59 29.91 -22.14
N LEU B 458 13.78 29.57 -23.41
CA LEU B 458 13.72 30.51 -24.51
C LEU B 458 12.38 31.25 -24.54
N CYS B 459 11.31 30.52 -24.26
CA CYS B 459 9.96 31.06 -24.33
C CYS B 459 9.64 31.96 -23.14
N VAL B 460 10.27 31.67 -22.01
CA VAL B 460 10.09 32.48 -20.80
C VAL B 460 10.64 33.89 -21.03
N LEU B 461 11.88 33.95 -21.52
CA LEU B 461 12.52 35.22 -21.83
C LEU B 461 11.72 36.00 -22.86
N HIS B 462 11.11 35.30 -23.81
CA HIS B 462 10.31 35.93 -24.85
C HIS B 462 8.99 36.45 -24.28
N GLU B 463 8.41 35.69 -23.35
CA GLU B 463 7.24 36.13 -22.61
C GLU B 463 7.43 37.54 -22.05
N LYS B 464 8.53 37.72 -21.32
CA LYS B 464 8.83 39.00 -20.69
C LYS B 464 9.11 40.08 -21.72
N THR B 465 9.89 39.73 -22.74
CA THR B 465 10.30 40.70 -23.75
C THR B 465 10.09 40.16 -25.17
N PRO B 466 8.84 40.16 -25.64
CA PRO B 466 8.50 39.65 -26.98
C PRO B 466 9.24 40.37 -28.09
N VAL B 467 9.66 39.62 -29.11
CA VAL B 467 10.44 40.18 -30.21
C VAL B 467 9.93 39.71 -31.57
N SER B 468 9.23 38.58 -31.59
CA SER B 468 8.72 38.01 -32.83
C SER B 468 7.41 37.26 -32.62
N ASP B 469 6.50 37.40 -33.58
CA ASP B 469 5.22 36.72 -33.52
C ASP B 469 5.39 35.22 -33.77
N ARG B 470 6.28 34.87 -34.68
CA ARG B 470 6.55 33.49 -35.04
C ARG B 470 7.14 32.71 -33.87
N VAL B 471 7.95 33.39 -33.06
CA VAL B 471 8.52 32.76 -31.88
C VAL B 471 7.49 32.63 -30.77
N THR B 472 6.53 33.55 -30.75
CA THR B 472 5.48 33.53 -29.74
C THR B 472 4.38 32.53 -30.12
N LYS B 473 4.25 32.24 -31.41
CA LYS B 473 3.31 31.24 -31.86
C LYS B 473 3.79 29.85 -31.45
N CYS B 474 5.11 29.67 -31.47
CA CYS B 474 5.71 28.39 -31.11
C CYS B 474 5.69 28.21 -29.60
N CYS B 475 5.87 29.31 -28.87
CA CYS B 475 5.93 29.29 -27.42
C CYS B 475 4.56 29.09 -26.78
N THR B 476 3.50 29.32 -27.54
CA THR B 476 2.15 29.29 -26.99
C THR B 476 1.27 28.20 -27.62
N GLU B 477 1.85 27.40 -28.50
CA GLU B 477 1.11 26.27 -29.07
C GLU B 477 1.31 25.03 -28.21
N SER B 478 0.62 23.95 -28.57
CA SER B 478 0.75 22.66 -27.89
C SER B 478 2.21 22.27 -27.68
N LEU B 479 2.54 21.84 -26.47
CA LEU B 479 3.91 21.42 -26.16
C LEU B 479 4.37 20.19 -26.94
N VAL B 480 3.52 19.70 -27.83
CA VAL B 480 3.91 18.61 -28.72
C VAL B 480 4.28 19.18 -30.08
N ASN B 481 3.74 20.35 -30.39
CA ASN B 481 4.04 21.05 -31.63
C ASN B 481 5.15 22.09 -31.44
N ARG B 482 5.52 22.33 -30.18
CA ARG B 482 6.53 23.34 -29.85
C ARG B 482 7.83 23.18 -30.64
N ARG B 483 8.54 22.08 -30.41
CA ARG B 483 9.82 21.83 -31.08
C ARG B 483 9.67 21.82 -32.61
N PRO B 484 8.68 21.10 -33.13
CA PRO B 484 8.43 21.11 -34.58
C PRO B 484 8.11 22.50 -35.11
N CYS B 485 7.44 23.31 -34.30
CA CYS B 485 7.12 24.68 -34.68
C CYS B 485 8.40 25.50 -34.87
N PHE B 486 9.35 25.34 -33.95
CA PHE B 486 10.64 26.01 -34.04
C PHE B 486 11.42 25.52 -35.25
N SER B 487 11.34 24.21 -35.50
CA SER B 487 12.05 23.60 -36.61
C SER B 487 11.49 24.07 -37.95
N ALA B 488 10.28 24.62 -37.91
CA ALA B 488 9.60 25.07 -39.11
C ALA B 488 9.95 26.51 -39.46
N LEU B 489 10.74 27.16 -38.62
CA LEU B 489 11.16 28.53 -38.87
C LEU B 489 12.06 28.61 -40.09
N GLU B 490 11.72 29.48 -41.02
CA GLU B 490 12.57 29.74 -42.18
C GLU B 490 13.25 31.08 -42.03
N VAL B 491 14.19 31.38 -42.94
CA VAL B 491 14.91 32.64 -42.89
C VAL B 491 13.97 33.82 -43.07
N ASP B 492 14.15 34.84 -42.23
CA ASP B 492 13.30 36.01 -42.26
C ASP B 492 13.68 36.93 -43.41
N GLU B 493 12.89 36.87 -44.48
CA GLU B 493 13.11 37.70 -45.65
C GLU B 493 12.66 39.14 -45.40
N THR B 494 11.94 39.33 -44.29
CA THR B 494 11.47 40.65 -43.89
C THR B 494 12.61 41.54 -43.40
N TYR B 495 13.51 40.94 -42.63
CA TYR B 495 14.52 41.68 -41.88
C TYR B 495 15.31 42.70 -42.70
N VAL B 496 15.29 43.95 -42.22
CA VAL B 496 16.17 44.97 -42.75
C VAL B 496 17.49 44.92 -41.99
N PRO B 497 18.60 44.76 -42.73
CA PRO B 497 19.94 44.68 -42.12
C PRO B 497 20.22 45.86 -41.21
N LYS B 498 20.71 45.59 -40.00
CA LYS B 498 20.97 46.67 -39.05
C LYS B 498 22.15 47.51 -39.50
N GLU B 499 22.12 48.80 -39.16
CA GLU B 499 23.12 49.73 -39.66
C GLU B 499 24.49 49.44 -39.06
N PHE B 500 25.53 49.73 -39.82
CA PHE B 500 26.90 49.43 -39.43
C PHE B 500 27.31 50.18 -38.17
N ASN B 501 28.20 49.57 -37.39
CA ASN B 501 28.80 50.25 -36.25
C ASN B 501 30.23 49.74 -36.07
N ALA B 502 31.19 50.65 -36.23
CA ALA B 502 32.61 50.29 -36.18
C ALA B 502 33.00 49.74 -34.81
N GLU B 503 32.41 50.31 -33.77
CA GLU B 503 32.65 49.86 -32.41
C GLU B 503 32.32 48.37 -32.22
N THR B 504 31.21 47.94 -32.78
CA THR B 504 30.79 46.54 -32.68
C THR B 504 31.81 45.57 -33.26
N PHE B 505 32.56 46.03 -34.26
CA PHE B 505 33.57 45.19 -34.89
C PHE B 505 34.98 45.70 -34.60
N THR B 506 35.13 46.38 -33.46
CA THR B 506 36.44 46.85 -33.02
C THR B 506 36.94 45.99 -31.87
N PHE B 507 38.13 45.41 -32.05
CA PHE B 507 38.68 44.48 -31.08
C PHE B 507 40.00 44.97 -30.50
N HIS B 508 40.16 44.82 -29.19
CA HIS B 508 41.38 45.24 -28.50
C HIS B 508 42.21 44.03 -28.06
N ALA B 509 43.35 44.31 -27.43
CA ALA B 509 44.30 43.27 -27.08
C ALA B 509 43.89 42.48 -25.85
N ASP B 510 42.90 42.98 -25.13
CA ASP B 510 42.42 42.34 -23.90
C ASP B 510 41.91 40.91 -24.15
N ILE B 511 41.42 40.65 -25.35
CA ILE B 511 40.84 39.36 -25.67
C ILE B 511 41.90 38.26 -25.68
N CYS B 512 43.17 38.65 -25.77
CA CYS B 512 44.27 37.70 -25.75
C CYS B 512 44.47 37.11 -24.36
N THR B 513 43.99 37.82 -23.35
CA THR B 513 44.11 37.37 -21.97
C THR B 513 42.83 36.69 -21.51
N LEU B 514 41.70 37.13 -22.06
CA LEU B 514 40.39 36.53 -21.80
C LEU B 514 40.44 35.01 -21.78
N SER B 515 39.62 34.41 -20.93
CA SER B 515 39.56 32.95 -20.82
C SER B 515 39.05 32.33 -22.11
N GLU B 516 39.31 31.03 -22.28
CA GLU B 516 38.89 30.31 -23.48
C GLU B 516 37.39 30.43 -23.71
N LYS B 517 36.65 30.55 -22.61
CA LYS B 517 35.19 30.61 -22.66
C LYS B 517 34.66 31.93 -23.22
N GLU B 518 35.24 33.05 -22.80
CA GLU B 518 34.68 34.35 -23.15
C GLU B 518 35.41 35.01 -24.30
N ARG B 519 36.50 34.41 -24.75
CA ARG B 519 37.07 34.78 -26.04
C ARG B 519 36.09 34.29 -27.10
N GLN B 520 35.55 33.09 -26.86
CA GLN B 520 34.55 32.50 -27.72
C GLN B 520 33.25 33.30 -27.72
N ILE B 521 32.82 33.72 -26.53
CA ILE B 521 31.59 34.51 -26.39
C ILE B 521 31.70 35.82 -27.17
N LYS B 522 32.85 36.49 -27.07
CA LYS B 522 33.07 37.75 -27.78
C LYS B 522 33.15 37.53 -29.28
N LYS B 523 33.81 36.44 -29.69
CA LYS B 523 33.87 36.07 -31.10
C LYS B 523 32.49 35.71 -31.65
N GLN B 524 31.73 34.96 -30.85
CA GLN B 524 30.39 34.54 -31.25
C GLN B 524 29.42 35.72 -31.27
N THR B 525 29.60 36.65 -30.34
CA THR B 525 28.82 37.88 -30.32
C THR B 525 29.01 38.66 -31.61
N ALA B 526 30.24 38.72 -32.08
CA ALA B 526 30.57 39.43 -33.30
C ALA B 526 30.01 38.71 -34.52
N LEU B 527 29.92 37.39 -34.43
CA LEU B 527 29.38 36.58 -35.52
C LEU B 527 27.89 36.85 -35.72
N VAL B 528 27.17 36.99 -34.62
CA VAL B 528 25.76 37.34 -34.68
C VAL B 528 25.59 38.75 -35.24
N GLU B 529 26.37 39.68 -34.72
CA GLU B 529 26.34 41.07 -35.18
C GLU B 529 26.76 41.15 -36.64
N LEU B 530 27.65 40.26 -37.06
CA LEU B 530 28.05 40.16 -38.45
C LEU B 530 26.88 39.73 -39.33
N VAL B 531 26.25 38.63 -38.94
CA VAL B 531 25.11 38.09 -39.67
C VAL B 531 23.93 39.06 -39.68
N LYS B 532 23.77 39.82 -38.60
CA LYS B 532 22.69 40.81 -38.51
C LYS B 532 22.93 41.99 -39.45
N HIS B 533 24.18 42.42 -39.57
CA HIS B 533 24.51 43.58 -40.38
C HIS B 533 24.38 43.27 -41.88
N LYS B 534 24.79 42.07 -42.27
CA LYS B 534 24.61 41.61 -43.64
C LYS B 534 24.06 40.18 -43.65
N PRO B 535 22.74 40.05 -43.46
CA PRO B 535 22.04 38.77 -43.31
C PRO B 535 21.98 37.93 -44.59
N LYS B 536 22.27 38.55 -45.73
CA LYS B 536 22.18 37.85 -47.00
C LYS B 536 23.54 37.29 -47.43
N ALA B 537 24.47 37.23 -46.49
CA ALA B 537 25.79 36.68 -46.75
C ALA B 537 25.76 35.16 -46.86
N THR B 538 26.50 34.63 -47.83
CA THR B 538 26.55 33.19 -48.06
C THR B 538 27.52 32.51 -47.09
N LYS B 539 27.44 31.18 -47.02
CA LYS B 539 28.30 30.41 -46.13
C LYS B 539 29.76 30.51 -46.52
N GLU B 540 30.03 30.65 -47.82
CA GLU B 540 31.39 30.78 -48.30
C GLU B 540 31.94 32.16 -47.95
N GLN B 541 31.13 33.18 -48.18
CA GLN B 541 31.48 34.56 -47.84
C GLN B 541 31.70 34.72 -46.35
N LEU B 542 30.81 34.13 -45.57
CA LEU B 542 30.89 34.20 -44.10
C LEU B 542 32.11 33.47 -43.57
N LYS B 543 32.42 32.32 -44.17
CA LYS B 543 33.60 31.55 -43.80
C LYS B 543 34.86 32.34 -44.09
N ALA B 544 34.85 33.07 -45.20
CA ALA B 544 35.98 33.89 -45.61
C ALA B 544 36.25 34.99 -44.58
N VAL B 545 35.18 35.68 -44.19
CA VAL B 545 35.27 36.72 -43.17
C VAL B 545 35.81 36.16 -41.85
N MET B 546 35.28 35.02 -41.43
CA MET B 546 35.69 34.39 -40.17
C MET B 546 37.14 33.91 -40.22
N ASP B 547 37.57 33.42 -41.37
CA ASP B 547 38.95 32.96 -41.54
C ASP B 547 39.93 34.11 -41.36
N ASP B 548 39.66 35.22 -42.05
CA ASP B 548 40.48 36.42 -41.93
C ASP B 548 40.55 36.90 -40.49
N PHE B 549 39.39 36.96 -39.84
CA PHE B 549 39.31 37.32 -38.43
C PHE B 549 40.17 36.41 -37.56
N ALA B 550 40.00 35.10 -37.74
CA ALA B 550 40.73 34.11 -36.96
C ALA B 550 42.24 34.31 -37.08
N ALA B 551 42.70 34.51 -38.31
CA ALA B 551 44.11 34.77 -38.56
C ALA B 551 44.50 36.16 -38.03
N PHE B 552 43.58 37.11 -38.13
CA PHE B 552 43.80 38.46 -37.64
C PHE B 552 44.11 38.47 -36.14
N VAL B 553 43.45 37.59 -35.39
CA VAL B 553 43.64 37.52 -33.95
C VAL B 553 44.97 36.87 -33.61
N GLU B 554 45.34 35.82 -34.36
CA GLU B 554 46.58 35.10 -34.11
C GLU B 554 47.80 35.94 -34.52
N LYS B 555 47.59 36.91 -35.40
CA LYS B 555 48.68 37.77 -35.86
C LYS B 555 48.91 38.94 -34.91
N CYS B 556 47.88 39.30 -34.17
CA CYS B 556 47.96 40.42 -33.24
C CYS B 556 48.27 39.93 -31.83
N CYS B 557 47.99 38.66 -31.57
CA CYS B 557 48.26 38.06 -30.27
C CYS B 557 49.61 37.36 -30.31
N LYS B 558 50.36 37.63 -31.38
CA LYS B 558 51.66 37.01 -31.59
C LYS B 558 52.75 38.06 -31.78
N ALA B 559 52.32 39.31 -31.94
CA ALA B 559 53.24 40.39 -32.26
C ALA B 559 53.88 40.98 -31.01
N ASP B 560 55.04 41.61 -31.20
CA ASP B 560 55.74 42.27 -30.09
C ASP B 560 54.89 43.40 -29.53
N ASP B 561 54.28 44.17 -30.43
CA ASP B 561 53.32 45.19 -30.04
C ASP B 561 51.96 44.59 -30.35
N LYS B 562 50.93 44.96 -29.59
CA LYS B 562 49.64 44.29 -29.73
C LYS B 562 48.48 45.24 -30.00
N GLU B 563 48.30 46.24 -29.14
CA GLU B 563 47.15 47.13 -29.24
C GLU B 563 47.15 47.93 -30.54
N THR B 564 48.33 48.15 -31.11
CA THR B 564 48.43 48.85 -32.38
C THR B 564 48.04 47.94 -33.53
N CYS B 565 48.45 46.68 -33.44
CA CYS B 565 48.08 45.68 -34.44
C CYS B 565 46.57 45.50 -34.52
N PHE B 566 45.93 45.50 -33.36
CA PHE B 566 44.48 45.31 -33.28
C PHE B 566 43.70 46.50 -33.84
N ALA B 567 44.34 47.67 -33.87
CA ALA B 567 43.68 48.87 -34.32
C ALA B 567 44.00 49.19 -35.77
N GLU B 568 45.14 48.72 -36.24
CA GLU B 568 45.59 49.02 -37.60
C GLU B 568 45.18 47.92 -38.58
N GLU B 569 45.60 46.68 -38.31
CA GLU B 569 45.14 45.55 -39.10
C GLU B 569 43.63 45.37 -38.96
N GLY B 570 43.10 45.76 -37.82
CA GLY B 570 41.67 45.77 -37.58
C GLY B 570 40.94 46.61 -38.59
N LYS B 571 41.43 47.82 -38.82
CA LYS B 571 40.89 48.71 -39.85
C LYS B 571 40.92 48.02 -41.21
N LYS B 572 42.01 47.32 -41.49
CA LYS B 572 42.18 46.59 -42.75
C LYS B 572 41.15 45.47 -42.88
N LEU B 573 41.02 44.68 -41.82
CA LEU B 573 40.09 43.54 -41.81
C LEU B 573 38.66 43.99 -42.03
N VAL B 574 38.26 45.04 -41.33
CA VAL B 574 36.92 45.60 -41.45
C VAL B 574 36.66 46.18 -42.84
N ALA B 575 37.65 46.85 -43.42
CA ALA B 575 37.51 47.46 -44.73
C ALA B 575 37.35 46.40 -45.80
N ALA B 576 38.26 45.44 -45.81
CA ALA B 576 38.22 44.33 -46.76
C ALA B 576 36.93 43.54 -46.66
N SER B 577 36.43 43.39 -45.44
CA SER B 577 35.22 42.61 -45.19
C SER B 577 33.97 43.33 -45.71
N GLN B 578 33.89 44.62 -45.44
CA GLN B 578 32.75 45.42 -45.92
C GLN B 578 32.67 45.36 -47.44
N ALA B 579 33.82 45.25 -48.09
CA ALA B 579 33.89 45.21 -49.55
C ALA B 579 33.34 43.90 -50.11
N ALA B 580 33.85 42.79 -49.58
CA ALA B 580 33.41 41.46 -50.02
C ALA B 580 31.91 41.24 -49.90
N LEU B 581 31.32 41.64 -48.78
CA LEU B 581 29.91 41.42 -48.53
C LEU B 581 29.06 42.59 -49.03
C13 6WF C . -3.05 -17.70 10.54
C17 6WF C . -0.86 -18.41 11.06
C20 6WF C . -0.15 -18.32 8.35
C21 6WF C . -1.43 -17.99 8.76
C22 6WF C . -1.26 -18.46 12.53
N01 6WF C . -6.94 -17.71 9.06
C02 6WF C . -7.33 -16.22 9.07
N03 6WF C . -8.36 -15.84 8.15
C04 6WF C . -8.37 -16.74 6.95
C05 6WF C . -9.55 -16.62 6.03
C06 6WF C . -10.32 -15.45 6.31
C07 6WF C . -10.75 -15.40 7.72
C08 6WF C . -9.67 -15.72 8.73
S09 6WF C . -7.39 -16.32 10.91
FE1 6WF C . -5.70 -16.45 11.11
O11 6WF C . -4.85 -17.39 12.51
C12 6WF C . -3.54 -17.74 12.06
C14 6WF C . -4.13 -17.22 9.30
N15 6WF C . -5.41 -17.41 9.87
C16 6WF C . -1.78 -18.04 10.11
C18 6WF C . 0.44 -18.74 10.67
C19 6WF C . 0.79 -18.71 9.32
C23 6WF C . -2.61 -18.10 12.97
H20 6WF C . 0.08 -18.29 7.46
H21 6WF C . -2.06 -17.72 8.13
H22 6WF C . -0.63 -18.71 13.16
H2 6WF C . -6.74 -18.00 8.25
H41 6WF C . -8.36 -17.66 7.25
H42 6WF C . -7.57 -16.57 6.44
H51 6WF C . -9.25 -16.59 5.12
H52 6WF C . -10.11 -17.39 6.15
H61 6WF C . -9.77 -14.68 6.12
H62 6WF C . -11.09 -15.44 5.73
H71 6WF C . -11.47 -16.05 7.83
H72 6WF C . -11.09 -14.52 7.91
H81 6WF C . -9.88 -16.56 9.17
H82 6WF C . -9.65 -15.02 9.39
H4 6WF C . -4.02 -17.80 8.53
H18 6WF C . 1.05 -19.01 11.30
H19 6WF C . 1.65 -18.93 9.06
H23 6WF C . -2.83 -18.13 13.87
C1 PLM D . -23.94 -34.32 9.53
O1 PLM D . -23.09 -33.67 10.19
O2 PLM D . -24.53 -35.31 10.05
C2 PLM D . -24.25 -33.91 8.10
C3 PLM D . -24.16 -35.08 7.15
C4 PLM D . -23.26 -34.81 5.97
C5 PLM D . -22.37 -36.00 5.64
C6 PLM D . -21.61 -35.83 4.34
C7 PLM D . -20.44 -34.86 4.48
C8 PLM D . -19.69 -34.69 3.17
C9 PLM D . -18.65 -33.59 3.24
CA PLM D . -18.20 -33.14 1.87
CB PLM D . -16.92 -33.82 1.44
C1 PLM E . -2.69 -21.49 1.52
O1 PLM E . -1.45 -21.63 1.41
O2 PLM E . -3.16 -20.94 2.55
C2 PLM E . -3.61 -21.96 0.42
C3 PLM E . -2.85 -22.35 -0.83
C4 PLM E . -3.34 -21.66 -2.08
C5 PLM E . -4.81 -21.89 -2.33
C6 PLM E . -5.09 -22.23 -3.78
C7 PLM E . -6.46 -21.78 -4.23
C8 PLM E . -6.43 -21.19 -5.62
C9 PLM E . -7.57 -21.70 -6.48
CA PLM E . -8.71 -20.70 -6.55
CB PLM E . -9.75 -21.08 -7.58
CC PLM E . -9.34 -20.67 -8.98
CD PLM E . -10.42 -19.90 -9.68
CE PLM E . -10.46 -20.18 -11.17
CF PLM E . -9.19 -19.76 -11.87
CG PLM E . -9.45 -19.41 -13.33
C1 PLM F . -10.13 -16.58 30.54
O1 PLM F . -9.19 -16.00 31.15
O2 PLM F . -11.28 -16.08 30.51
C2 PLM F . -9.87 -17.89 29.83
C3 PLM F . -10.10 -19.08 30.74
C4 PLM F . -11.57 -19.29 31.03
C5 PLM F . -11.82 -19.83 32.42
C6 PLM F . -13.03 -20.74 32.45
C7 PLM F . -13.60 -20.87 33.85
C8 PLM F . -15.10 -21.02 33.83
C9 PLM F . -15.55 -22.29 33.13
CA PLM F . -17.06 -22.45 33.16
CB PLM F . -17.52 -23.67 32.40
CC PLM F . -16.92 -24.95 32.94
CD PLM F . -15.68 -25.34 32.18
CE PLM F . -14.71 -26.13 33.04
CF PLM F . -13.30 -26.09 32.48
C1 PLM G . -18.77 -18.85 35.21
O1 PLM G . -18.51 -18.01 36.10
O2 PLM G . -19.90 -19.44 35.20
C2 PLM G . -17.75 -19.17 34.15
C3 PLM G . -18.01 -18.42 32.85
C4 PLM G . -19.05 -19.13 32.00
C5 PLM G . -19.64 -18.21 30.95
C6 PLM G . -20.97 -18.71 30.44
C7 PLM G . -22.13 -17.90 30.96
C8 PLM G . -23.47 -18.50 30.59
C9 PLM G . -24.58 -17.50 30.61
CA PLM G . -25.95 -18.15 30.46
CB PLM G . -26.97 -17.23 29.83
CC PLM G . -26.86 -17.22 28.32
CD PLM G . -27.35 -15.93 27.71
CE PLM G . -27.73 -16.08 26.25
CF PLM G . -28.70 -15.01 25.80
CG PLM G . -29.04 -15.13 24.32
C1 PLM H . -32.34 -37.21 36.01
O1 PLM H . -31.16 -37.51 36.32
O2 PLM H . -33.01 -37.97 35.28
C2 PLM H . -32.94 -35.92 36.51
C3 PLM H . -33.63 -35.16 35.40
C4 PLM H . -34.34 -33.92 35.89
C5 PLM H . -35.68 -33.74 35.20
C6 PLM H . -36.27 -32.37 35.46
C7 PLM H . -37.73 -32.29 35.05
C8 PLM H . -38.66 -32.62 36.19
C9 PLM H . -39.71 -31.55 36.39
CA PLM H . -40.63 -31.84 37.55
CB PLM H . -42.09 -31.69 37.18
CC PLM H . -42.93 -31.14 38.31
CD PLM H . -43.45 -29.75 38.02
CE PLM H . -43.47 -28.87 39.25
CF PLM H . -44.20 -27.56 39.00
C1 PLM I . -7.88 -2.23 24.74
O1 PLM I . -7.69 -1.66 25.85
O2 PLM I . -8.09 -1.54 23.71
C2 PLM I . -7.85 -3.73 24.64
C3 PLM I . -6.65 -4.24 23.88
C4 PLM I . -5.73 -5.06 24.75
C5 PLM I . -4.30 -4.54 24.73
C6 PLM I . -3.56 -4.86 26.01
C7 PLM I . -2.73 -3.69 26.48
C8 PLM I . -1.29 -3.76 25.98
C9 PLM I . -1.18 -3.46 24.51
CA PLM I . 0.10 -4.01 23.92
CB PLM I . 0.27 -3.62 22.46
CC PLM I . 1.39 -4.39 21.80
CD PLM I . 1.60 -3.97 20.36
CE PLM I . 2.32 -5.01 19.54
CF PLM I . 3.81 -4.77 19.51
CG PLM I . 4.56 -5.89 18.80
C13 6WF J . 7.35 11.88 -9.43
C17 6WF J . 7.53 9.44 -9.48
C20 6WF J . 6.76 9.34 -6.75
C21 6WF J . 6.86 10.58 -7.41
C22 6WF J . 7.95 9.52 -10.98
N01 6WF J . 5.48 15.83 -8.79
C02 6WF J . 6.91 16.50 -8.68
N03 6WF J . 6.84 17.86 -8.21
C04 6WF J . 7.71 17.99 -7.01
C05 6WF J . 7.56 19.38 -6.38
C06 6WF J . 6.57 20.22 -7.11
C07 6WF J . 6.72 20.23 -8.60
C08 6WF J . 7.17 18.90 -9.20
S09 6WF J . 7.57 16.18 -10.36
FE1 6WF J . 6.77 14.64 -10.77
O11 6WF J . 7.87 13.27 -11.59
C12 6WF J . 7.78 11.98 -10.97
C14 6WF J . 7.00 13.36 -8.57
N15 6WF J . 6.11 14.22 -9.33
C16 6WF J . 7.25 10.63 -8.76
C18 6WF J . 7.43 8.19 -8.81
C19 6WF J . 7.04 8.15 -7.47
C23 6WF J . 8.06 10.81 -11.66
H20 6WF J . 6.50 9.31 -5.85
H21 6WF J . 6.67 11.37 -6.95
H22 6WF J . 8.13 8.73 -11.45
H2 6WF J . 5.02 16.21 -9.45
H41 6WF J . 7.47 17.32 -6.35
H42 6WF J . 8.64 17.87 -7.27
H51 6WF J . 8.42 19.83 -6.40
H52 6WF J . 7.27 19.28 -5.47
H61 6WF J . 6.65 21.13 -6.78
H62 6WF J . 5.68 19.89 -6.90
H71 6WF J . 7.38 20.91 -8.83
H72 6WF J . 5.88 20.48 -9.00
H81 6WF J . 6.69 18.73 -10.03
H82 6WF J . 8.13 18.90 -9.36
H4 6WF J . 7.82 13.83 -8.40
H18 6WF J . 7.61 7.41 -9.27
H19 6WF J . 6.97 7.32 -7.03
H23 6WF J . 8.31 10.86 -12.55
C1 PLM K . 27.61 28.24 -8.47
O1 PLM K . 28.77 27.92 -8.84
O2 PLM K . 26.71 28.44 -9.34
C2 PLM K . 27.28 28.36 -7.01
C3 PLM K . 28.40 29.00 -6.22
C4 PLM K . 29.27 28.00 -5.51
C5 PLM K . 28.84 27.75 -4.08
C6 PLM K . 27.91 26.56 -3.95
C7 PLM K . 28.46 25.50 -3.03
C8 PLM K . 27.69 25.39 -1.73
C9 PLM K . 26.40 24.60 -1.90
CA PLM K . 25.61 24.51 -0.61
CB PLM K . 24.49 23.50 -0.69
C1 PLM L . 9.55 12.01 -0.87
O1 PLM L . 10.03 11.78 -2.02
O2 PLM L . 8.72 11.23 -0.35
C2 PLM L . 9.96 13.26 -0.11
C3 PLM L . 10.52 12.94 1.27
C4 PLM L . 9.68 13.52 2.39
C5 PLM L . 10.37 14.68 3.10
C6 PLM L . 9.59 15.17 4.29
C7 PLM L . 10.29 16.30 5.01
C8 PLM L . 9.33 17.20 5.76
C9 PLM L . 10.04 18.35 6.45
CA PLM L . 9.09 19.45 6.87
CB PLM L . 9.76 20.52 7.69
CC PLM L . 9.18 20.61 9.07
CD PLM L . 8.82 22.03 9.45
CE PLM L . 8.86 22.27 10.95
CF PLM L . 7.79 21.48 11.68
CG PLM L . 7.61 21.97 13.10
C1 PLM M . 10.68 15.72 -30.68
O1 PLM M . 10.43 16.84 -31.21
O2 PLM M . 9.97 14.72 -30.97
C2 PLM M . 11.83 15.57 -29.71
C3 PLM M . 13.14 15.35 -30.42
C4 PLM M . 13.77 16.65 -30.88
C5 PLM M . 14.60 16.49 -32.13
C6 PLM M . 15.57 17.64 -32.32
C7 PLM M . 16.05 17.76 -33.75
C8 PLM M . 16.87 19.02 -33.93
C9 PLM M . 17.92 19.16 -32.85
CA PLM M . 18.28 20.61 -32.59
CB PLM M . 19.47 20.73 -31.65
CC PLM M . 20.65 19.91 -32.13
CD PLM M . 21.18 19.00 -31.04
CE PLM M . 21.49 17.62 -31.57
CF PLM M . 20.71 16.55 -30.85
C1 PLM N . 15.74 22.82 -35.91
O1 PLM N . 16.08 23.97 -36.30
O2 PLM N . 15.08 22.06 -36.67
C2 PLM N . 16.14 22.36 -34.53
C3 PLM N . 15.10 22.73 -33.49
C4 PLM N . 15.71 23.34 -32.25
C5 PLM N . 14.82 24.41 -31.66
C6 PLM N . 15.62 25.61 -31.20
C7 PLM N . 15.38 26.83 -32.06
C8 PLM N . 16.24 28.01 -31.64
C9 PLM N . 15.65 29.33 -32.04
CA PLM N . 16.64 30.46 -31.87
CB PLM N . 15.98 31.82 -31.79
CC PLM N . 15.63 32.20 -30.36
CD PLM N . 14.51 33.21 -30.29
CE PLM N . 14.45 33.92 -28.96
CF PLM N . 13.29 34.90 -28.89
CG PLM N . 13.28 35.69 -27.60
C1 PLM O . 36.56 31.63 -35.08
O1 PLM O . 36.87 31.37 -33.89
O2 PLM O . 37.40 31.51 -36.01
C2 PLM O . 35.15 32.10 -35.39
C3 PLM O . 34.87 33.49 -34.86
C4 PLM O . 34.59 34.48 -35.97
C5 PLM O . 34.15 35.83 -35.43
C6 PLM O . 33.40 36.63 -36.47
C7 PLM O . 33.63 38.13 -36.32
C8 PLM O . 33.85 38.81 -37.65
C9 PLM O . 34.81 39.98 -37.54
CA PLM O . 34.96 40.74 -38.84
CB PLM O . 34.00 41.89 -38.96
CC PLM O . 33.83 42.35 -40.38
CD PLM O . 32.73 43.38 -40.55
CE PLM O . 31.93 43.15 -41.81
CF PLM O . 31.29 44.43 -42.33
C1 PLM P . -3.58 17.88 -27.87
O1 PLM P . -4.60 18.05 -27.17
O2 PLM P . -3.68 17.69 -29.12
C2 PLM P . -2.20 17.93 -27.25
C3 PLM P . -2.12 17.15 -25.95
C4 PLM P . -1.77 15.69 -26.17
C5 PLM P . -2.99 14.83 -26.36
C6 PLM P . -2.66 13.39 -26.67
C7 PLM P . -3.78 12.69 -27.41
C8 PLM P . -4.09 11.32 -26.84
C9 PLM P . -4.90 11.41 -25.57
CA PLM P . -4.81 10.14 -24.74
CB PLM P . -5.50 10.26 -23.40
CC PLM P . -4.89 9.32 -22.38
CD PLM P . -5.81 9.02 -21.22
CE PLM P . -5.08 8.29 -20.11
CF PLM P . -5.89 7.14 -19.55
CG PLM P . -5.04 6.15 -18.78
#